data_5MK2
#
_entry.id   5MK2
#
_cell.length_a   68.440
_cell.length_b   64.860
_cell.length_c   81.230
_cell.angle_alpha   90.00
_cell.angle_beta   90.19
_cell.angle_gamma   90.00
#
_symmetry.space_group_name_H-M   'P 1 21 1'
#
loop_
_entity.id
_entity.type
_entity.pdbx_description
1 polymer 'Tyrosine-protein phosphatase non-receptor type 23'
2 polymer 'Charged multivesicular body protein 4b'
3 water water
#
loop_
_entity_poly.entity_id
_entity_poly.type
_entity_poly.pdbx_seq_one_letter_code
_entity_poly.pdbx_strand_id
1 'polypeptide(L)'
;MEAVPRMPMIWLDLKEAGDFHFQPAVKKFVLKNYGENPEAYNEELKKLELLRQNAVRVPRDFEGCSVLRKYLGQLHYLQS
RVPMGSGQEAAVPVTWTEIFSGKSVAHEDIKYEQACILYNLGALHSMLGAMDKRVSEEGMKVSCTHFQCAAGAFAYLREH
FPQAYSVDMSRQILTLNVNLMLGQAQECLLEKSMLDNRKSFLVARISAQVVDYYKEACRALENPDTASLLGRIQKDWKKL
VQMKIYYFAAVAHLHMGKQAEEQQKFGERVAYFQSALDKLNEAIKLAKGQPDTVQDALRFTMDVIGGKYNSAKKDNDFIY
HEAVPALDTLQPVKGAPLVKPLPVNPTDPAVTGPDIFAKLV
;
A,B
2 'polypeptide(L)' KKKEEEDDDMKELENWAGSM C
#
# COMPACT_ATOMS: atom_id res chain seq x y z
N MET A 1 -12.33 10.41 -35.60
CA MET A 1 -11.62 11.11 -34.53
C MET A 1 -10.68 10.18 -33.76
N GLU A 2 -10.84 8.87 -33.95
CA GLU A 2 -9.94 7.91 -33.33
C GLU A 2 -8.49 8.12 -33.73
N ALA A 3 -8.24 8.74 -34.89
CA ALA A 3 -6.89 8.93 -35.39
C ALA A 3 -6.39 10.36 -35.22
N VAL A 4 -7.00 11.13 -34.32
CA VAL A 4 -6.66 12.56 -34.24
C VAL A 4 -5.23 12.71 -33.73
N PRO A 5 -4.43 13.62 -34.29
CA PRO A 5 -3.17 13.97 -33.66
C PRO A 5 -3.36 14.33 -32.18
N ARG A 6 -2.35 14.02 -31.38
CA ARG A 6 -2.44 14.13 -29.93
C ARG A 6 -2.05 15.53 -29.48
N MET A 7 -2.82 16.09 -28.53
CA MET A 7 -2.44 17.38 -27.96
C MET A 7 -1.25 17.19 -27.03
N PRO A 8 -0.40 18.22 -26.90
CA PRO A 8 0.65 18.17 -25.88
C PRO A 8 0.07 18.31 -24.49
N MET A 9 0.85 17.87 -23.49
CA MET A 9 0.42 17.86 -22.10
C MET A 9 1.32 18.75 -21.26
N ILE A 10 0.77 19.25 -20.15
CA ILE A 10 1.51 20.04 -19.18
C ILE A 10 2.17 19.11 -18.17
N TRP A 11 3.40 19.44 -17.77
CA TRP A 11 4.07 18.74 -16.68
C TRP A 11 4.69 19.77 -15.75
N LEU A 12 5.10 19.30 -14.58
CA LEU A 12 5.72 20.15 -13.56
C LEU A 12 7.18 19.76 -13.37
N ASP A 13 8.02 20.76 -13.10
CA ASP A 13 9.42 20.52 -12.84
C ASP A 13 9.62 19.94 -11.45
N LEU A 14 10.70 19.16 -11.31
CA LEU A 14 11.06 18.64 -9.99
C LEU A 14 11.75 19.71 -9.16
N LYS A 15 11.52 19.66 -7.85
CA LYS A 15 12.18 20.57 -6.93
C LYS A 15 13.62 20.12 -6.66
N GLU A 16 14.48 21.09 -6.34
CA GLU A 16 15.89 20.84 -6.05
C GLU A 16 16.12 20.78 -4.54
N ALA A 17 16.83 19.76 -4.11
CA ALA A 17 17.04 19.51 -2.69
C ALA A 17 18.31 20.19 -2.19
N GLY A 18 18.25 20.68 -0.96
CA GLY A 18 19.41 21.07 -0.20
C GLY A 18 19.75 20.01 0.82
N ASP A 19 20.26 20.45 1.96
CA ASP A 19 20.82 19.52 2.93
C ASP A 19 19.76 18.96 3.88
N PHE A 20 19.97 17.71 4.31
CA PHE A 20 19.20 17.03 5.36
C PHE A 20 20.20 16.13 6.10
N HIS A 21 20.90 16.72 7.07
CA HIS A 21 21.97 16.02 7.79
C HIS A 21 21.40 15.28 8.99
N PHE A 22 20.72 14.17 8.70
CA PHE A 22 20.07 13.39 9.74
C PHE A 22 21.05 12.59 10.57
N GLN A 23 22.21 12.21 10.02
CA GLN A 23 23.08 11.24 10.68
C GLN A 23 23.48 11.63 12.09
N PRO A 24 24.03 12.82 12.35
CA PRO A 24 24.48 13.12 13.72
C PRO A 24 23.35 13.15 14.72
N ALA A 25 22.15 13.57 14.29
CA ALA A 25 21.02 13.62 15.21
C ALA A 25 20.52 12.22 15.53
N VAL A 26 20.53 11.32 14.54
CA VAL A 26 20.13 9.95 14.81
C VAL A 26 21.10 9.30 15.80
N LYS A 27 22.41 9.50 15.58
CA LYS A 27 23.41 8.93 16.47
C LYS A 27 23.25 9.45 17.90
N LYS A 28 23.09 10.76 18.05
CA LYS A 28 22.86 11.33 19.37
C LYS A 28 21.63 10.72 20.04
N PHE A 29 20.55 10.54 19.28
CA PHE A 29 19.33 9.99 19.85
C PHE A 29 19.50 8.51 20.22
N VAL A 30 20.21 7.75 19.38
CA VAL A 30 20.44 6.33 19.69
C VAL A 30 21.23 6.19 20.98
N LEU A 31 22.24 7.04 21.18
CA LEU A 31 23.04 6.96 22.40
C LEU A 31 22.25 7.39 23.63
N LYS A 32 21.48 8.47 23.52
CA LYS A 32 20.81 9.08 24.66
C LYS A 32 19.51 8.39 25.04
N ASN A 33 18.77 7.85 24.08
CA ASN A 33 17.44 7.30 24.36
C ASN A 33 17.35 5.79 24.19
N TYR A 34 18.06 5.22 23.23
CA TYR A 34 18.08 3.77 23.10
C TYR A 34 19.19 3.14 23.94
N GLY A 35 20.11 3.95 24.47
CA GLY A 35 21.17 3.46 25.33
C GLY A 35 22.15 2.55 24.62
N GLU A 36 22.45 2.82 23.35
CA GLU A 36 23.30 1.96 22.55
C GLU A 36 24.46 2.75 21.97
N ASN A 37 25.49 2.01 21.55
CA ASN A 37 26.64 2.58 20.88
C ASN A 37 26.19 3.40 19.67
N PRO A 38 26.51 4.69 19.61
CA PRO A 38 26.01 5.52 18.50
C PRO A 38 26.54 5.11 17.14
N GLU A 39 27.57 4.27 17.07
CA GLU A 39 28.13 3.79 15.82
C GLU A 39 27.63 2.40 15.46
N ALA A 40 26.60 1.90 16.13
CA ALA A 40 26.07 0.58 15.85
C ALA A 40 25.13 0.56 14.65
N TYR A 41 24.74 1.71 14.13
CA TYR A 41 23.77 1.79 13.04
C TYR A 41 24.36 2.50 11.83
N ASN A 42 25.68 2.42 11.65
CA ASN A 42 26.33 3.12 10.55
C ASN A 42 25.96 2.52 9.20
N GLU A 43 25.73 1.21 9.15
CA GLU A 43 25.32 0.57 7.90
C GLU A 43 23.90 1.01 7.52
N GLU A 44 22.99 1.08 8.49
CA GLU A 44 21.66 1.59 8.22
C GLU A 44 21.71 3.05 7.78
N LEU A 45 22.58 3.84 8.42
CA LEU A 45 22.64 5.26 8.11
C LEU A 45 23.23 5.51 6.74
N LYS A 46 24.24 4.73 6.34
CA LYS A 46 24.77 4.90 5.00
C LYS A 46 23.79 4.43 3.94
N LYS A 47 23.01 3.39 4.24
CA LYS A 47 22.01 2.93 3.28
C LYS A 47 20.94 3.98 3.05
N LEU A 48 20.54 4.68 4.12
CA LEU A 48 19.57 5.76 3.95
C LEU A 48 20.19 6.95 3.22
N GLU A 49 21.44 7.28 3.54
CA GLU A 49 22.10 8.40 2.88
C GLU A 49 22.23 8.15 1.38
N LEU A 50 22.57 6.91 1.00
CA LEU A 50 22.66 6.58 -0.43
C LEU A 50 21.30 6.67 -1.11
N LEU A 51 20.24 6.27 -0.39
CA LEU A 51 18.89 6.33 -0.92
C LEU A 51 18.46 7.77 -1.15
N ARG A 52 18.76 8.67 -0.20
CA ARG A 52 18.46 10.08 -0.42
C ARG A 52 19.21 10.62 -1.62
N GLN A 53 20.51 10.30 -1.73
CA GLN A 53 21.28 10.78 -2.86
C GLN A 53 20.68 10.32 -4.18
N ASN A 54 20.19 9.09 -4.23
CA ASN A 54 19.50 8.59 -5.42
C ASN A 54 18.19 9.36 -5.65
N ALA A 55 17.42 9.56 -4.59
CA ALA A 55 16.12 10.21 -4.73
C ALA A 55 16.25 11.66 -5.18
N VAL A 56 17.26 12.40 -4.67
CA VAL A 56 17.34 13.81 -5.04
C VAL A 56 17.99 14.01 -6.39
N ARG A 57 18.60 12.97 -6.98
CA ARG A 57 19.06 13.07 -8.36
C ARG A 57 18.39 12.00 -9.21
N VAL A 58 17.08 11.90 -9.09
CA VAL A 58 16.33 10.76 -9.61
C VAL A 58 16.35 10.77 -11.12
N PRO A 59 16.54 9.62 -11.77
CA PRO A 59 16.37 9.57 -13.23
C PRO A 59 14.90 9.80 -13.57
N ARG A 60 14.68 10.48 -14.69
CA ARG A 60 13.33 10.76 -15.16
C ARG A 60 12.77 9.56 -15.90
N ASP A 61 12.44 8.51 -15.14
CA ASP A 61 11.88 7.28 -15.70
C ASP A 61 11.05 6.58 -14.64
N PHE A 62 10.41 5.47 -15.03
CA PHE A 62 9.52 4.76 -14.12
C PHE A 62 10.28 4.21 -12.91
N GLU A 63 11.53 3.78 -13.12
CA GLU A 63 12.36 3.35 -11.98
C GLU A 63 12.55 4.50 -10.98
N GLY A 64 12.61 5.73 -11.48
CA GLY A 64 12.77 6.86 -10.60
C GLY A 64 11.58 7.04 -9.66
N CYS A 65 10.38 6.75 -10.15
CA CYS A 65 9.22 6.80 -9.28
C CYS A 65 9.36 5.84 -8.11
N SER A 66 9.86 4.63 -8.38
CA SER A 66 10.07 3.64 -7.33
C SER A 66 11.09 4.11 -6.30
N VAL A 67 12.15 4.79 -6.75
CA VAL A 67 13.14 5.33 -5.84
C VAL A 67 12.50 6.35 -4.91
N LEU A 68 11.73 7.27 -5.47
CA LEU A 68 11.08 8.28 -4.64
C LEU A 68 10.11 7.64 -3.65
N ARG A 69 9.36 6.63 -4.09
CA ARG A 69 8.43 5.98 -3.18
C ARG A 69 9.17 5.25 -2.08
N LYS A 70 10.26 4.59 -2.43
CA LYS A 70 11.07 3.88 -1.43
C LYS A 70 11.62 4.86 -0.39
N TYR A 71 12.20 5.97 -0.85
CA TYR A 71 12.78 6.93 0.08
C TYR A 71 11.70 7.56 0.94
N LEU A 72 10.56 7.92 0.34
CA LEU A 72 9.44 8.49 1.11
C LEU A 72 9.00 7.55 2.23
N GLY A 73 8.90 6.25 1.93
CA GLY A 73 8.51 5.29 2.94
C GLY A 73 9.56 5.14 4.03
N GLN A 74 10.84 5.12 3.64
CA GLN A 74 11.89 4.97 4.65
C GLN A 74 11.97 6.18 5.57
N LEU A 75 11.62 7.37 5.05
CA LEU A 75 11.52 8.53 5.93
C LEU A 75 10.41 8.36 6.96
N HIS A 76 9.31 7.72 6.56
CA HIS A 76 8.25 7.41 7.51
C HIS A 76 8.74 6.41 8.55
N TYR A 77 9.48 5.39 8.12
CA TYR A 77 10.00 4.41 9.07
C TYR A 77 10.98 5.05 10.04
N LEU A 78 11.88 5.90 9.53
CA LEU A 78 12.82 6.59 10.41
C LEU A 78 12.09 7.43 11.45
N GLN A 79 11.13 8.24 10.99
CA GLN A 79 10.37 9.09 11.90
C GLN A 79 9.63 8.29 12.97
N SER A 80 9.20 7.07 12.65
CA SER A 80 8.50 6.27 13.65
C SER A 80 9.42 5.81 14.78
N ARG A 81 10.72 5.80 14.54
CA ARG A 81 11.71 5.33 15.52
C ARG A 81 12.55 6.44 16.12
N VAL A 82 12.71 7.56 15.41
CA VAL A 82 13.51 8.70 15.87
C VAL A 82 12.71 9.97 15.62
N PRO A 83 12.39 10.76 16.65
CA PRO A 83 11.48 11.90 16.46
C PRO A 83 12.20 13.10 15.86
N MET A 84 11.93 13.36 14.57
CA MET A 84 12.59 14.42 13.82
C MET A 84 11.60 15.41 13.21
N GLY A 85 10.36 15.41 13.70
CA GLY A 85 9.35 16.37 13.28
C GLY A 85 9.44 17.67 14.02
N SER A 86 8.46 18.54 13.75
CA SER A 86 8.50 19.91 14.25
C SER A 86 8.60 19.95 15.77
N GLY A 87 9.60 20.65 16.28
CA GLY A 87 9.79 20.78 17.72
C GLY A 87 10.31 19.55 18.43
N GLN A 88 10.59 18.46 17.71
CA GLN A 88 10.94 17.22 18.35
C GLN A 88 12.46 17.13 18.58
N GLU A 89 12.85 16.18 19.43
CA GLU A 89 14.19 16.20 20.02
C GLU A 89 15.29 16.06 18.98
N ALA A 90 15.09 15.19 18.00
CA ALA A 90 16.13 14.90 17.01
C ALA A 90 15.95 15.65 15.69
N ALA A 91 15.11 16.68 15.67
CA ALA A 91 14.87 17.41 14.43
C ALA A 91 16.11 18.16 13.96
N VAL A 92 16.34 18.18 12.66
CA VAL A 92 17.45 18.93 12.06
C VAL A 92 16.89 19.74 10.89
N PRO A 93 17.62 20.77 10.45
CA PRO A 93 17.17 21.55 9.30
C PRO A 93 17.05 20.71 8.04
N VAL A 94 15.99 20.99 7.29
CA VAL A 94 15.73 20.42 5.97
C VAL A 94 15.59 21.60 5.03
N THR A 95 16.38 21.64 3.96
CA THR A 95 16.36 22.77 3.03
C THR A 95 16.06 22.29 1.62
N TRP A 96 15.09 22.93 0.98
CA TRP A 96 14.76 22.69 -0.42
C TRP A 96 14.54 24.05 -1.08
N THR A 97 14.64 24.08 -2.42
CA THR A 97 14.41 25.32 -3.16
C THR A 97 12.94 25.41 -3.57
N GLU A 98 12.33 26.55 -3.28
CA GLU A 98 10.97 26.81 -3.75
C GLU A 98 11.02 27.07 -5.25
N ILE A 99 10.21 26.33 -6.01
CA ILE A 99 10.51 26.21 -7.44
C ILE A 99 10.18 27.49 -8.21
N PHE A 100 9.20 28.26 -7.77
CA PHE A 100 8.81 29.42 -8.57
C PHE A 100 9.69 30.63 -8.30
N SER A 101 10.13 30.82 -7.06
CA SER A 101 10.99 31.94 -6.71
C SER A 101 12.47 31.60 -6.74
N GLY A 102 12.84 30.33 -6.71
CA GLY A 102 14.24 29.99 -6.60
C GLY A 102 14.86 30.22 -5.24
N LYS A 103 14.06 30.59 -4.24
CA LYS A 103 14.57 30.84 -2.89
C LYS A 103 14.64 29.56 -2.09
N SER A 104 15.68 29.45 -1.25
CA SER A 104 15.79 28.32 -0.33
C SER A 104 14.81 28.48 0.82
N VAL A 105 14.11 27.40 1.15
CA VAL A 105 13.19 27.37 2.28
C VAL A 105 13.64 26.23 3.19
N ALA A 106 13.83 26.55 4.48
CA ALA A 106 14.26 25.57 5.46
C ALA A 106 13.21 25.39 6.55
N HIS A 107 13.03 24.15 6.98
CA HIS A 107 12.22 23.81 8.14
C HIS A 107 12.92 22.70 8.89
N GLU A 108 12.90 22.78 10.23
CA GLU A 108 13.50 21.73 11.05
C GLU A 108 12.48 20.62 11.31
N ASP A 109 12.21 19.84 10.25
CA ASP A 109 11.03 18.98 10.24
C ASP A 109 11.19 17.92 9.14
N ILE A 110 11.32 16.65 9.54
CA ILE A 110 11.46 15.57 8.55
C ILE A 110 10.25 15.51 7.62
N LYS A 111 9.08 15.97 8.07
CA LYS A 111 7.91 15.89 7.20
C LYS A 111 7.99 16.87 6.03
N TYR A 112 8.84 17.91 6.15
CA TYR A 112 9.12 18.78 5.01
C TYR A 112 9.94 18.07 3.96
N GLU A 113 10.94 17.29 4.38
CA GLU A 113 11.65 16.41 3.45
C GLU A 113 10.68 15.43 2.79
N GLN A 114 9.80 14.80 3.59
CA GLN A 114 8.80 13.92 3.02
C GLN A 114 7.93 14.64 2.01
N ALA A 115 7.48 15.86 2.37
CA ALA A 115 6.59 16.62 1.49
C ALA A 115 7.24 16.88 0.14
N CYS A 116 8.49 17.32 0.14
CA CYS A 116 9.16 17.65 -1.11
C CYS A 116 9.40 16.41 -1.97
N ILE A 117 9.73 15.28 -1.35
CA ILE A 117 9.88 14.03 -2.08
C ILE A 117 8.55 13.64 -2.72
N LEU A 118 7.46 13.75 -1.98
CA LEU A 118 6.15 13.42 -2.54
C LEU A 118 5.78 14.37 -3.68
N TYR A 119 6.06 15.66 -3.52
CA TYR A 119 5.86 16.61 -4.63
C TYR A 119 6.62 16.14 -5.86
N ASN A 120 7.89 15.74 -5.68
CA ASN A 120 8.69 15.35 -6.83
C ASN A 120 8.18 14.06 -7.46
N LEU A 121 7.58 13.17 -6.66
CA LEU A 121 6.91 11.99 -7.22
C LEU A 121 5.76 12.41 -8.14
N GLY A 122 4.95 13.36 -7.68
CA GLY A 122 3.91 13.90 -8.54
C GLY A 122 4.48 14.52 -9.81
N ALA A 123 5.51 15.36 -9.63
CA ALA A 123 6.10 16.03 -10.78
C ALA A 123 6.68 15.03 -11.78
N LEU A 124 7.35 14.00 -11.25
CA LEU A 124 7.95 13.02 -12.16
C LEU A 124 6.88 12.27 -12.93
N HIS A 125 5.81 11.86 -12.24
CA HIS A 125 4.71 11.22 -12.97
C HIS A 125 4.15 12.14 -14.04
N SER A 126 4.02 13.44 -13.75
CA SER A 126 3.48 14.34 -14.77
C SER A 126 4.41 14.38 -15.98
N MET A 127 5.72 14.37 -15.76
CA MET A 127 6.67 14.33 -16.86
C MET A 127 6.51 13.05 -17.67
N LEU A 128 6.46 11.91 -16.99
CA LEU A 128 6.37 10.65 -17.71
C LEU A 128 5.08 10.57 -18.50
N GLY A 129 3.98 11.08 -17.93
CA GLY A 129 2.71 11.09 -18.64
C GLY A 129 2.78 11.91 -19.91
N ALA A 130 3.52 13.01 -19.89
CA ALA A 130 3.58 13.96 -20.98
C ALA A 130 4.61 13.58 -22.04
N MET A 131 5.42 12.56 -21.77
CA MET A 131 6.49 12.16 -22.69
C MET A 131 6.04 11.18 -23.77
N ASP A 132 4.99 10.41 -23.53
CA ASP A 132 4.59 9.40 -24.50
C ASP A 132 3.79 10.02 -25.64
N LYS A 133 3.90 9.42 -26.83
CA LYS A 133 3.13 9.88 -27.99
C LYS A 133 1.66 9.47 -27.94
N ARG A 134 1.30 8.51 -27.07
CA ARG A 134 -0.09 8.08 -26.87
C ARG A 134 -0.74 7.56 -28.15
N VAL A 135 0.04 6.79 -28.92
CA VAL A 135 -0.49 6.14 -30.12
C VAL A 135 -0.57 4.62 -29.97
N SER A 136 0.09 4.03 -28.99
CA SER A 136 0.04 2.59 -28.75
C SER A 136 -0.89 2.31 -27.58
N GLU A 137 -1.41 1.08 -27.54
CA GLU A 137 -2.27 0.71 -26.41
C GLU A 137 -1.52 0.87 -25.09
N GLU A 138 -0.29 0.34 -25.01
CA GLU A 138 0.47 0.44 -23.77
C GLU A 138 0.84 1.88 -23.44
N GLY A 139 1.07 2.70 -24.47
CA GLY A 139 1.42 4.09 -24.24
C GLY A 139 0.24 4.92 -23.78
N MET A 140 -0.94 4.68 -24.37
CA MET A 140 -2.13 5.39 -23.89
C MET A 140 -2.47 4.98 -22.46
N LYS A 141 -2.40 3.69 -22.15
CA LYS A 141 -2.74 3.24 -20.80
C LYS A 141 -1.77 3.83 -19.78
N VAL A 142 -0.46 3.74 -20.04
CA VAL A 142 0.50 4.17 -19.05
C VAL A 142 0.45 5.68 -18.87
N SER A 143 0.15 6.43 -19.93
CA SER A 143 0.07 7.88 -19.77
C SER A 143 -1.09 8.26 -18.87
N CYS A 144 -2.25 7.62 -19.06
CA CYS A 144 -3.38 7.85 -18.17
C CYS A 144 -2.99 7.52 -16.73
N THR A 145 -2.35 6.37 -16.54
CA THR A 145 -1.94 5.96 -15.20
C THR A 145 -0.98 6.98 -14.59
N HIS A 146 -0.01 7.47 -15.39
CA HIS A 146 0.93 8.45 -14.86
C HIS A 146 0.22 9.70 -14.38
N PHE A 147 -0.73 10.21 -15.16
CA PHE A 147 -1.41 11.43 -14.71
C PHE A 147 -2.29 11.16 -13.49
N GLN A 148 -2.92 9.99 -13.42
CA GLN A 148 -3.64 9.61 -12.20
C GLN A 148 -2.70 9.53 -11.00
N CYS A 149 -1.49 9.01 -11.21
CA CYS A 149 -0.53 8.92 -10.12
C CYS A 149 -0.06 10.30 -9.70
N ALA A 150 0.16 11.19 -10.67
CA ALA A 150 0.54 12.57 -10.35
C ALA A 150 -0.57 13.24 -9.53
N ALA A 151 -1.82 13.10 -9.97
CA ALA A 151 -2.94 13.64 -9.21
C ALA A 151 -2.97 13.07 -7.79
N GLY A 152 -2.76 11.75 -7.65
CA GLY A 152 -2.79 11.13 -6.33
C GLY A 152 -1.68 11.64 -5.43
N ALA A 153 -0.50 11.89 -5.98
CA ALA A 153 0.61 12.40 -5.17
C ALA A 153 0.34 13.82 -4.69
N PHE A 154 -0.10 14.72 -5.59
CA PHE A 154 -0.39 16.07 -5.16
C PHE A 154 -1.58 16.10 -4.20
N ALA A 155 -2.58 15.25 -4.41
CA ALA A 155 -3.71 15.19 -3.47
C ALA A 155 -3.28 14.65 -2.11
N TYR A 156 -2.45 13.60 -2.08
CA TYR A 156 -1.95 13.10 -0.80
C TYR A 156 -1.15 14.18 -0.08
N LEU A 157 -0.30 14.89 -0.83
CA LEU A 157 0.48 15.97 -0.24
C LEU A 157 -0.44 17.01 0.40
N ARG A 158 -1.48 17.39 -0.32
CA ARG A 158 -2.42 18.38 0.15
C ARG A 158 -3.13 17.94 1.42
N GLU A 159 -3.49 16.65 1.53
CA GLU A 159 -4.35 16.18 2.62
C GLU A 159 -3.58 15.67 3.84
N HIS A 160 -2.33 15.24 3.68
CA HIS A 160 -1.67 14.49 4.75
C HIS A 160 -0.44 15.19 5.31
N PHE A 161 -0.16 16.40 4.88
CA PHE A 161 1.02 17.11 5.36
C PHE A 161 0.66 18.48 5.87
N PRO A 162 1.47 19.04 6.78
CA PRO A 162 1.31 20.43 7.17
C PRO A 162 1.14 21.32 5.95
N GLN A 163 0.26 22.30 6.09
CA GLN A 163 -0.14 23.11 4.96
C GLN A 163 0.94 24.12 4.62
N ALA A 164 1.29 24.19 3.34
CA ALA A 164 2.14 25.23 2.77
C ALA A 164 3.47 25.38 3.53
N TYR A 165 4.28 24.32 3.49
CA TYR A 165 5.69 24.48 3.86
C TYR A 165 6.36 25.53 2.97
N SER A 166 5.94 25.62 1.72
CA SER A 166 6.41 26.66 0.82
C SER A 166 5.27 26.90 -0.17
N VAL A 167 5.34 28.05 -0.85
CA VAL A 167 4.17 28.47 -1.61
C VAL A 167 3.94 27.60 -2.82
N ASP A 168 4.96 26.86 -3.30
CA ASP A 168 4.72 25.97 -4.43
C ASP A 168 3.91 24.75 -4.03
N MET A 169 3.70 24.54 -2.74
CA MET A 169 2.97 23.39 -2.21
C MET A 169 1.79 23.83 -1.34
N SER A 170 1.26 25.03 -1.60
CA SER A 170 0.07 25.50 -0.88
C SER A 170 -1.17 24.75 -1.37
N ARG A 171 -2.22 24.74 -0.54
CA ARG A 171 -3.40 23.96 -0.89
C ARG A 171 -4.00 24.43 -2.22
N GLN A 172 -4.03 25.75 -2.45
CA GLN A 172 -4.62 26.26 -3.69
C GLN A 172 -3.80 25.83 -4.90
N ILE A 173 -2.46 25.88 -4.81
CA ILE A 173 -1.64 25.48 -5.94
C ILE A 173 -1.74 23.98 -6.16
N LEU A 174 -1.77 23.20 -5.09
CA LEU A 174 -1.86 21.75 -5.27
C LEU A 174 -3.20 21.35 -5.85
N THR A 175 -4.26 22.10 -5.53
CA THR A 175 -5.56 21.82 -6.12
C THR A 175 -5.56 22.11 -7.61
N LEU A 176 -4.88 23.19 -8.03
CA LEU A 176 -4.70 23.41 -9.46
C LEU A 176 -4.00 22.23 -10.11
N ASN A 177 -2.92 21.73 -9.49
CA ASN A 177 -2.18 20.60 -10.05
C ASN A 177 -3.06 19.37 -10.16
N VAL A 178 -3.82 19.06 -9.10
CA VAL A 178 -4.67 17.87 -9.10
C VAL A 178 -5.66 17.95 -10.25
N ASN A 179 -6.34 19.09 -10.41
CA ASN A 179 -7.33 19.23 -11.47
C ASN A 179 -6.70 19.12 -12.85
N LEU A 180 -5.53 19.73 -13.04
CA LEU A 180 -4.85 19.64 -14.32
C LEU A 180 -4.46 18.19 -14.61
N MET A 181 -3.95 17.48 -13.59
CA MET A 181 -3.53 16.09 -13.80
C MET A 181 -4.73 15.21 -14.10
N LEU A 182 -5.86 15.42 -13.41
CA LEU A 182 -7.04 14.61 -13.71
C LEU A 182 -7.59 14.94 -15.09
N GLY A 183 -7.60 16.23 -15.45
CA GLY A 183 -8.00 16.59 -16.80
C GLY A 183 -7.17 15.88 -17.85
N GLN A 184 -5.86 15.83 -17.64
CA GLN A 184 -4.99 15.17 -18.61
C GLN A 184 -5.19 13.66 -18.60
N ALA A 185 -5.40 13.06 -17.42
CA ALA A 185 -5.75 11.63 -17.39
C ALA A 185 -7.05 11.38 -18.16
N GLN A 186 -8.06 12.21 -17.95
CA GLN A 186 -9.33 12.05 -18.64
C GLN A 186 -9.18 12.23 -20.14
N GLU A 187 -8.29 13.14 -20.58
CA GLU A 187 -8.01 13.30 -22.00
C GLU A 187 -7.37 12.04 -22.58
N CYS A 188 -6.45 11.41 -21.85
CA CYS A 188 -5.90 10.12 -22.26
C CYS A 188 -6.98 9.05 -22.36
N LEU A 189 -7.91 9.03 -21.40
CA LEU A 189 -9.00 8.06 -21.42
C LEU A 189 -9.91 8.28 -22.62
N LEU A 190 -10.15 9.55 -22.96
CA LEU A 190 -10.97 9.88 -24.13
C LEU A 190 -10.34 9.34 -25.41
N GLU A 191 -9.06 9.59 -25.60
CA GLU A 191 -8.36 9.08 -26.77
C GLU A 191 -8.54 7.57 -26.88
N LYS A 192 -8.42 6.86 -25.76
CA LYS A 192 -8.55 5.40 -25.82
C LYS A 192 -9.98 4.98 -26.08
N SER A 193 -10.95 5.69 -25.51
CA SER A 193 -12.35 5.34 -25.72
C SER A 193 -12.73 5.49 -27.18
N MET A 194 -12.10 6.41 -27.90
CA MET A 194 -12.41 6.59 -29.31
C MET A 194 -11.77 5.49 -30.16
N LEU A 195 -10.53 5.10 -29.83
CA LEU A 195 -9.91 4.00 -30.54
C LEU A 195 -10.63 2.70 -30.27
N ASP A 196 -11.21 2.53 -29.09
CA ASP A 196 -11.96 1.34 -28.74
C ASP A 196 -13.38 1.37 -29.29
N ASN A 197 -13.76 2.44 -29.98
CA ASN A 197 -15.08 2.57 -30.59
C ASN A 197 -16.19 2.37 -29.56
N ARG A 198 -16.05 3.04 -28.42
CA ARG A 198 -17.13 3.10 -27.44
C ARG A 198 -18.31 3.87 -28.02
N LYS A 199 -19.47 3.68 -27.40
CA LYS A 199 -20.69 4.35 -27.86
C LYS A 199 -20.50 5.86 -27.84
N SER A 200 -21.02 6.52 -28.88
CA SER A 200 -20.93 7.99 -28.92
C SER A 200 -21.47 8.61 -27.64
N PHE A 201 -22.50 7.99 -27.06
CA PHE A 201 -23.04 8.42 -25.78
C PHE A 201 -21.94 8.57 -24.74
N LEU A 202 -21.11 7.53 -24.59
CA LEU A 202 -20.08 7.56 -23.56
C LEU A 202 -18.95 8.52 -23.92
N VAL A 203 -18.54 8.53 -25.20
CA VAL A 203 -17.42 9.38 -25.60
C VAL A 203 -17.76 10.85 -25.33
N ALA A 204 -19.00 11.26 -25.63
CA ALA A 204 -19.41 12.63 -25.33
C ALA A 204 -19.31 12.92 -23.84
N ARG A 205 -19.70 11.96 -22.99
CA ARG A 205 -19.65 12.21 -21.55
C ARG A 205 -18.21 12.27 -21.05
N ILE A 206 -17.34 11.45 -21.62
CA ILE A 206 -15.93 11.49 -21.21
C ILE A 206 -15.32 12.83 -21.60
N SER A 207 -15.60 13.28 -22.82
CA SER A 207 -15.05 14.56 -23.28
C SER A 207 -15.62 15.73 -22.48
N ALA A 208 -16.90 15.64 -22.09
CA ALA A 208 -17.49 16.68 -21.25
C ALA A 208 -16.78 16.78 -19.91
N GLN A 209 -16.33 15.64 -19.38
CA GLN A 209 -15.59 15.65 -18.12
C GLN A 209 -14.20 16.23 -18.30
N VAL A 210 -13.55 16.01 -19.44
CA VAL A 210 -12.30 16.71 -19.72
C VAL A 210 -12.51 18.21 -19.59
N VAL A 211 -13.57 18.71 -20.24
CA VAL A 211 -13.89 20.13 -20.18
C VAL A 211 -14.09 20.58 -18.74
N ASP A 212 -14.81 19.77 -17.96
CA ASP A 212 -15.08 20.13 -16.57
CA ASP A 212 -15.08 20.13 -16.57
C ASP A 212 -13.79 20.31 -15.78
N TYR A 213 -12.85 19.35 -15.90
CA TYR A 213 -11.59 19.48 -15.19
C TYR A 213 -10.81 20.71 -15.65
N TYR A 214 -10.75 20.93 -16.97
CA TYR A 214 -9.95 22.05 -17.47
C TYR A 214 -10.57 23.39 -17.10
N LYS A 215 -11.91 23.47 -17.06
CA LYS A 215 -12.56 24.70 -16.63
C LYS A 215 -12.19 25.05 -15.20
N GLU A 216 -12.13 24.03 -14.34
CA GLU A 216 -11.72 24.27 -12.95
C GLU A 216 -10.26 24.67 -12.87
N ALA A 217 -9.40 24.03 -13.67
CA ALA A 217 -8.01 24.48 -13.75
C ALA A 217 -7.91 25.92 -14.25
N CYS A 218 -8.72 26.28 -15.24
CA CYS A 218 -8.68 27.65 -15.78
C CYS A 218 -9.14 28.66 -14.73
N ARG A 219 -10.21 28.34 -14.00
CA ARG A 219 -10.66 29.20 -12.89
C ARG A 219 -9.54 29.45 -11.90
N ALA A 220 -8.79 28.38 -11.56
CA ALA A 220 -7.70 28.52 -10.62
C ALA A 220 -6.57 29.36 -11.19
N LEU A 221 -6.27 29.19 -12.48
CA LEU A 221 -5.22 29.98 -13.12
C LEU A 221 -5.56 31.45 -13.18
N GLU A 222 -6.85 31.80 -13.21
CA GLU A 222 -7.27 33.18 -13.23
C GLU A 222 -7.22 33.85 -11.87
N ASN A 223 -7.04 33.09 -10.80
CA ASN A 223 -6.91 33.67 -9.47
C ASN A 223 -5.65 34.55 -9.42
N PRO A 224 -5.76 35.80 -9.01
CA PRO A 224 -4.60 36.70 -9.10
C PRO A 224 -3.39 36.23 -8.31
N ASP A 225 -3.57 35.55 -7.19
CA ASP A 225 -2.40 35.14 -6.43
C ASP A 225 -1.71 33.93 -7.06
N THR A 226 -2.50 33.01 -7.63
CA THR A 226 -1.91 31.93 -8.42
C THR A 226 -1.19 32.47 -9.65
N ALA A 227 -1.83 33.37 -10.39
CA ALA A 227 -1.19 33.97 -11.55
C ALA A 227 0.11 34.66 -11.16
N SER A 228 0.13 35.32 -10.00
CA SER A 228 1.34 36.00 -9.55
C SER A 228 2.45 35.02 -9.21
N LEU A 229 2.10 33.92 -8.55
CA LEU A 229 3.11 32.94 -8.16
C LEU A 229 3.70 32.26 -9.38
N LEU A 230 2.84 31.81 -10.29
CA LEU A 230 3.29 31.07 -11.47
C LEU A 230 3.91 31.99 -12.52
N GLY A 231 3.58 33.28 -12.50
CA GLY A 231 4.19 34.21 -13.41
C GLY A 231 3.93 33.82 -14.86
N ARG A 232 4.99 33.84 -15.67
CA ARG A 232 4.81 33.52 -17.08
C ARG A 232 4.36 32.08 -17.30
N ILE A 233 4.55 31.19 -16.31
CA ILE A 233 4.02 29.84 -16.43
C ILE A 233 2.51 29.86 -16.48
N GLN A 234 1.88 30.75 -15.71
CA GLN A 234 0.42 30.84 -15.77
C GLN A 234 -0.05 31.25 -17.16
N LYS A 235 0.71 32.14 -17.82
CA LYS A 235 0.33 32.56 -19.17
C LYS A 235 0.38 31.38 -20.12
N ASP A 236 1.45 30.57 -20.03
CA ASP A 236 1.60 29.42 -20.91
C ASP A 236 0.51 28.38 -20.67
N TRP A 237 0.30 28.01 -19.41
CA TRP A 237 -0.71 27.00 -19.10
C TRP A 237 -2.10 27.48 -19.49
N LYS A 238 -2.43 28.73 -19.16
CA LYS A 238 -3.79 29.18 -19.41
C LYS A 238 -4.11 29.16 -20.91
N LYS A 239 -3.13 29.51 -21.75
CA LYS A 239 -3.39 29.51 -23.18
C LYS A 239 -3.72 28.11 -23.67
N LEU A 240 -2.96 27.11 -23.21
CA LEU A 240 -3.24 25.73 -23.62
C LEU A 240 -4.56 25.25 -23.04
N VAL A 241 -4.78 25.51 -21.74
CA VAL A 241 -5.97 24.99 -21.08
C VAL A 241 -7.23 25.63 -21.64
N GLN A 242 -7.21 26.95 -21.86
CA GLN A 242 -8.41 27.62 -22.39
C GLN A 242 -8.76 27.12 -23.78
N MET A 243 -7.74 26.90 -24.63
CA MET A 243 -7.96 26.29 -25.93
C MET A 243 -8.58 24.90 -25.80
N LYS A 244 -8.05 24.07 -24.88
CA LYS A 244 -8.55 22.71 -24.72
C LYS A 244 -10.00 22.69 -24.24
N ILE A 245 -10.41 23.67 -23.45
CA ILE A 245 -11.80 23.75 -23.00
C ILE A 245 -12.73 23.78 -24.21
N TYR A 246 -12.43 24.64 -25.18
CA TYR A 246 -13.27 24.71 -26.37
C TYR A 246 -13.08 23.50 -27.28
N TYR A 247 -11.84 23.01 -27.41
CA TYR A 247 -11.60 21.83 -28.23
C TYR A 247 -12.39 20.65 -27.73
N PHE A 248 -12.30 20.34 -26.44
CA PHE A 248 -12.99 19.14 -25.98
C PHE A 248 -14.49 19.35 -25.85
N ALA A 249 -14.95 20.59 -25.71
CA ALA A 249 -16.38 20.88 -25.83
C ALA A 249 -16.85 20.57 -27.24
N ALA A 250 -16.04 20.92 -28.25
CA ALA A 250 -16.39 20.56 -29.62
C ALA A 250 -16.43 19.04 -29.79
N VAL A 251 -15.47 18.34 -29.20
CA VAL A 251 -15.46 16.88 -29.34
C VAL A 251 -16.69 16.28 -28.67
N ALA A 252 -17.10 16.83 -27.52
CA ALA A 252 -18.30 16.34 -26.86
C ALA A 252 -19.53 16.56 -27.73
N HIS A 253 -19.67 17.76 -28.29
CA HIS A 253 -20.89 17.99 -29.07
C HIS A 253 -20.86 17.26 -30.40
N LEU A 254 -19.66 16.99 -30.94
CA LEU A 254 -19.58 16.11 -32.10
C LEU A 254 -20.18 14.76 -31.80
N HIS A 255 -19.84 14.19 -30.65
CA HIS A 255 -20.36 12.86 -30.37
C HIS A 255 -21.82 12.89 -29.95
N MET A 256 -22.31 14.00 -29.38
CA MET A 256 -23.75 14.15 -29.18
C MET A 256 -24.48 14.14 -30.52
N GLY A 257 -23.90 14.79 -31.53
CA GLY A 257 -24.51 14.77 -32.85
C GLY A 257 -24.51 13.38 -33.47
N LYS A 258 -23.43 12.62 -33.25
CA LYS A 258 -23.39 11.26 -33.75
C LYS A 258 -24.43 10.38 -33.05
N GLN A 259 -24.70 10.65 -31.78
CA GLN A 259 -25.79 9.95 -31.11
C GLN A 259 -27.13 10.30 -31.75
N ALA A 260 -27.32 11.58 -32.11
CA ALA A 260 -28.51 11.96 -32.87
C ALA A 260 -28.55 11.26 -34.21
N GLU A 261 -27.39 11.11 -34.86
CA GLU A 261 -27.31 10.36 -36.12
C GLU A 261 -27.82 8.93 -35.93
N GLU A 262 -27.39 8.27 -34.85
CA GLU A 262 -27.78 6.89 -34.59
C GLU A 262 -29.27 6.78 -34.27
N GLN A 263 -29.83 7.78 -33.60
CA GLN A 263 -31.25 7.79 -33.25
C GLN A 263 -32.12 8.35 -34.35
N GLN A 264 -31.54 8.67 -35.51
CA GLN A 264 -32.28 9.22 -36.65
C GLN A 264 -33.05 10.49 -36.26
N LYS A 265 -32.43 11.31 -35.40
CA LYS A 265 -32.94 12.64 -35.12
C LYS A 265 -32.02 13.61 -35.86
N PHE A 266 -32.27 13.73 -37.17
CA PHE A 266 -31.37 14.44 -38.07
C PHE A 266 -31.43 15.95 -37.89
N GLY A 267 -32.42 16.47 -37.17
CA GLY A 267 -32.43 17.87 -36.81
C GLY A 267 -31.52 18.17 -35.63
N GLU A 268 -31.60 17.34 -34.59
CA GLU A 268 -30.64 17.40 -33.50
C GLU A 268 -29.21 17.27 -34.02
N ARG A 269 -29.02 16.36 -34.98
CA ARG A 269 -27.70 16.10 -35.54
CA ARG A 269 -27.69 16.10 -35.52
C ARG A 269 -27.08 17.37 -36.09
N VAL A 270 -27.86 18.14 -36.85
CA VAL A 270 -27.36 19.41 -37.39
C VAL A 270 -27.01 20.37 -36.26
N ALA A 271 -27.87 20.45 -35.25
CA ALA A 271 -27.66 21.42 -34.17
C ALA A 271 -26.39 21.11 -33.38
N TYR A 272 -26.15 19.83 -33.09
CA TYR A 272 -24.94 19.50 -32.34
C TYR A 272 -23.69 19.70 -33.19
N PHE A 273 -23.77 19.37 -34.49
CA PHE A 273 -22.62 19.58 -35.36
C PHE A 273 -22.34 21.06 -35.55
N GLN A 274 -23.39 21.90 -35.59
CA GLN A 274 -23.17 23.34 -35.67
C GLN A 274 -22.52 23.87 -34.41
N SER A 275 -22.96 23.40 -33.24
CA SER A 275 -22.34 23.81 -31.98
C SER A 275 -20.89 23.34 -31.92
N ALA A 276 -20.63 22.12 -32.38
CA ALA A 276 -19.26 21.60 -32.39
C ALA A 276 -18.36 22.47 -33.26
N LEU A 277 -18.83 22.81 -34.46
CA LEU A 277 -18.02 23.65 -35.34
C LEU A 277 -17.77 25.03 -34.73
N ASP A 278 -18.78 25.62 -34.07
CA ASP A 278 -18.60 26.93 -33.46
C ASP A 278 -17.58 26.87 -32.34
N LYS A 279 -17.62 25.81 -31.52
CA LYS A 279 -16.66 25.67 -30.43
C LYS A 279 -15.25 25.43 -30.96
N LEU A 280 -15.12 24.63 -32.02
CA LEU A 280 -13.83 24.38 -32.61
C LEU A 280 -13.25 25.64 -33.23
N ASN A 281 -14.09 26.48 -33.83
CA ASN A 281 -13.58 27.74 -34.38
C ASN A 281 -13.05 28.64 -33.27
N GLU A 282 -13.69 28.61 -32.10
CA GLU A 282 -13.17 29.37 -30.97
C GLU A 282 -11.84 28.78 -30.49
N ALA A 283 -11.74 27.44 -30.44
CA ALA A 283 -10.46 26.82 -30.09
C ALA A 283 -9.35 27.24 -31.04
N ILE A 284 -9.65 27.32 -32.33
CA ILE A 284 -8.65 27.70 -33.32
C ILE A 284 -8.17 29.13 -33.09
N LYS A 285 -9.10 30.06 -32.81
CA LYS A 285 -8.71 31.41 -32.44
C LYS A 285 -7.79 31.39 -31.23
N LEU A 286 -8.18 30.63 -30.21
CA LEU A 286 -7.42 30.56 -28.98
C LEU A 286 -6.06 29.88 -29.16
N ALA A 287 -5.86 29.16 -30.26
CA ALA A 287 -4.62 28.43 -30.49
C ALA A 287 -3.58 29.24 -31.25
N LYS A 288 -3.83 30.52 -31.46
CA LYS A 288 -2.88 31.35 -32.19
C LYS A 288 -1.52 31.27 -31.53
N GLY A 289 -0.51 30.91 -32.32
CA GLY A 289 0.84 30.83 -31.83
C GLY A 289 1.22 29.52 -31.19
N GLN A 290 0.26 28.62 -30.99
CA GLN A 290 0.56 27.34 -30.37
C GLN A 290 1.36 26.46 -31.31
N PRO A 291 2.10 25.49 -30.77
CA PRO A 291 2.96 24.63 -31.59
C PRO A 291 2.19 23.84 -32.64
N ASP A 292 2.96 23.32 -33.60
CA ASP A 292 2.37 22.56 -34.69
C ASP A 292 1.61 21.34 -34.21
N THR A 293 1.98 20.75 -33.06
CA THR A 293 1.21 19.65 -32.51
C THR A 293 -0.24 20.06 -32.27
N VAL A 294 -0.44 21.24 -31.66
CA VAL A 294 -1.79 21.74 -31.43
C VAL A 294 -2.48 21.99 -32.76
N GLN A 295 -1.79 22.66 -33.68
CA GLN A 295 -2.42 23.04 -34.95
C GLN A 295 -2.81 21.80 -35.74
N ASP A 296 -1.99 20.75 -35.70
CA ASP A 296 -2.30 19.52 -36.41
C ASP A 296 -3.56 18.87 -35.87
N ALA A 297 -3.73 18.85 -34.54
CA ALA A 297 -4.93 18.26 -33.97
C ALA A 297 -6.18 19.05 -34.38
N LEU A 298 -6.08 20.38 -34.37
CA LEU A 298 -7.23 21.21 -34.66
C LEU A 298 -7.61 21.12 -36.13
N ARG A 299 -6.62 21.06 -37.01
CA ARG A 299 -6.88 20.95 -38.44
C ARG A 299 -7.54 19.61 -38.77
N PHE A 300 -7.01 18.52 -38.21
CA PHE A 300 -7.64 17.22 -38.37
C PHE A 300 -9.08 17.25 -37.89
N THR A 301 -9.33 17.86 -36.74
CA THR A 301 -10.67 17.88 -36.19
C THR A 301 -11.58 18.81 -37.00
N MET A 302 -11.01 19.88 -37.56
CA MET A 302 -11.80 20.72 -38.47
CA MET A 302 -11.79 20.73 -38.48
C MET A 302 -12.28 19.94 -39.69
N ASP A 303 -11.41 19.08 -40.24
CA ASP A 303 -11.83 18.26 -41.39
C ASP A 303 -12.99 17.37 -41.02
N VAL A 304 -12.92 16.73 -39.85
CA VAL A 304 -14.01 15.87 -39.42
C VAL A 304 -15.27 16.67 -39.19
N ILE A 305 -15.20 17.72 -38.37
CA ILE A 305 -16.42 18.37 -37.90
C ILE A 305 -17.04 19.20 -39.02
N GLY A 306 -16.21 19.95 -39.75
CA GLY A 306 -16.73 20.74 -40.85
C GLY A 306 -17.41 19.89 -41.91
N GLY A 307 -16.82 18.73 -42.23
CA GLY A 307 -17.40 17.87 -43.22
C GLY A 307 -18.68 17.21 -42.76
N LYS A 308 -18.72 16.84 -41.47
CA LYS A 308 -19.94 16.26 -40.92
C LYS A 308 -21.06 17.29 -40.80
N TYR A 309 -20.72 18.53 -40.41
CA TYR A 309 -21.75 19.55 -40.32
C TYR A 309 -22.36 19.83 -41.70
N ASN A 310 -21.51 19.95 -42.72
CA ASN A 310 -21.97 20.23 -44.08
C ASN A 310 -22.89 19.13 -44.58
N SER A 311 -22.43 17.87 -44.49
CA SER A 311 -23.24 16.77 -44.98
C SER A 311 -24.53 16.61 -44.18
N ALA A 312 -24.49 16.89 -42.87
CA ALA A 312 -25.69 16.81 -42.06
C ALA A 312 -26.71 17.88 -42.46
N LYS A 313 -26.24 19.11 -42.68
CA LYS A 313 -27.16 20.16 -43.11
C LYS A 313 -27.73 19.87 -44.48
N LYS A 314 -26.90 19.38 -45.41
CA LYS A 314 -27.42 19.04 -46.74
C LYS A 314 -28.44 17.90 -46.67
N ASP A 315 -28.16 16.87 -45.86
CA ASP A 315 -29.12 15.78 -45.73
C ASP A 315 -30.42 16.27 -45.11
N ASN A 316 -30.33 17.16 -44.12
CA ASN A 316 -31.54 17.68 -43.50
C ASN A 316 -32.31 18.57 -44.46
N ASP A 317 -31.61 19.49 -45.14
CA ASP A 317 -32.29 20.48 -45.99
C ASP A 317 -33.02 19.82 -47.15
N PHE A 318 -32.52 18.70 -47.63
CA PHE A 318 -33.04 18.13 -48.87
C PHE A 318 -33.60 16.72 -48.74
N ILE A 319 -33.47 16.09 -47.58
CA ILE A 319 -34.00 14.73 -47.41
C ILE A 319 -34.97 14.66 -46.24
N TYR A 320 -34.48 14.91 -45.02
CA TYR A 320 -35.30 14.65 -43.84
C TYR A 320 -36.15 15.84 -43.41
N HIS A 321 -35.68 17.06 -43.60
CA HIS A 321 -36.45 18.26 -43.28
C HIS A 321 -36.95 18.24 -41.84
N GLU A 322 -36.04 17.95 -40.91
CA GLU A 322 -36.38 17.98 -39.50
C GLU A 322 -36.05 19.34 -38.91
N ALA A 323 -36.81 19.73 -37.88
CA ALA A 323 -36.55 21.00 -37.21
C ALA A 323 -35.20 20.94 -36.50
N VAL A 324 -34.42 22.01 -36.64
CA VAL A 324 -33.14 22.15 -35.95
C VAL A 324 -33.39 22.87 -34.63
N PRO A 325 -33.01 22.29 -33.48
CA PRO A 325 -33.36 22.89 -32.17
C PRO A 325 -32.72 24.24 -31.90
N ALA A 326 -32.10 24.38 -30.73
CA ALA A 326 -31.51 25.64 -30.32
C ALA A 326 -30.14 25.43 -29.67
N VAL A 333 -24.49 18.28 -21.37
CA VAL A 333 -23.90 16.95 -21.26
C VAL A 333 -23.31 16.77 -19.87
N LYS A 334 -23.68 15.68 -19.20
CA LYS A 334 -23.17 15.38 -17.89
C LYS A 334 -21.83 14.65 -18.00
N GLY A 335 -20.86 15.07 -17.19
CA GLY A 335 -19.54 14.48 -17.27
C GLY A 335 -19.49 13.09 -16.68
N ALA A 336 -18.60 12.26 -17.22
CA ALA A 336 -18.34 10.92 -16.74
C ALA A 336 -16.95 10.85 -16.12
N PRO A 337 -16.81 11.10 -14.82
CA PRO A 337 -15.50 10.95 -14.18
C PRO A 337 -15.12 9.49 -13.99
N LEU A 338 -14.27 8.98 -14.88
CA LEU A 338 -13.82 7.60 -14.82
C LEU A 338 -12.33 7.51 -14.50
N VAL A 339 -11.71 8.63 -14.13
CA VAL A 339 -10.34 8.64 -13.62
C VAL A 339 -10.39 9.16 -12.19
N LYS A 340 -9.49 8.64 -11.37
CA LYS A 340 -9.38 9.05 -9.98
C LYS A 340 -7.91 9.16 -9.65
N PRO A 341 -7.56 10.04 -8.71
CA PRO A 341 -6.18 10.05 -8.21
C PRO A 341 -5.82 8.68 -7.64
N LEU A 342 -4.75 8.19 -8.02
CA LEU A 342 -4.36 6.86 -7.55
C LEU A 342 -3.59 6.97 -6.24
N PRO A 343 -3.72 5.98 -5.35
CA PRO A 343 -3.16 6.11 -4.01
C PRO A 343 -1.64 6.02 -3.96
N VAL A 344 -1.07 6.72 -2.98
CA VAL A 344 0.38 6.76 -2.80
C VAL A 344 0.88 5.56 -1.98
N ASN A 345 0.14 5.20 -0.92
CA ASN A 345 0.50 4.06 -0.06
C ASN A 345 1.94 4.17 0.43
N PRO A 346 2.26 5.18 1.24
CA PRO A 346 3.68 5.47 1.51
C PRO A 346 4.36 4.42 2.37
N THR A 347 3.64 3.63 3.14
CA THR A 347 4.23 2.65 4.05
C THR A 347 3.89 1.22 3.70
N ASP A 348 3.53 0.94 2.45
CA ASP A 348 3.30 -0.44 2.04
C ASP A 348 4.65 -1.12 1.81
N PRO A 349 4.95 -2.22 2.51
CA PRO A 349 6.28 -2.83 2.34
C PRO A 349 6.57 -3.29 0.92
N ALA A 350 5.55 -3.49 0.09
CA ALA A 350 5.79 -3.87 -1.30
C ALA A 350 6.42 -2.73 -2.09
N VAL A 351 6.18 -1.49 -1.68
CA VAL A 351 6.75 -0.35 -2.41
C VAL A 351 7.99 0.18 -1.69
N THR A 352 8.06 -0.01 -0.37
CA THR A 352 9.20 0.52 0.38
C THR A 352 10.32 -0.47 0.58
N GLY A 353 10.05 -1.77 0.46
CA GLY A 353 11.01 -2.78 0.85
C GLY A 353 11.12 -2.82 2.36
N PRO A 354 12.06 -3.62 2.87
CA PRO A 354 12.19 -3.77 4.32
C PRO A 354 12.57 -2.46 4.98
N ASP A 355 12.05 -2.26 6.19
CA ASP A 355 12.40 -1.10 7.01
C ASP A 355 13.91 -1.11 7.27
N ILE A 356 14.60 -0.09 6.78
CA ILE A 356 16.06 -0.01 6.92
C ILE A 356 16.46 -0.07 8.40
N PHE A 357 15.66 0.56 9.28
CA PHE A 357 15.99 0.62 10.70
C PHE A 357 15.24 -0.43 11.51
N ALA A 358 14.94 -1.58 10.91
CA ALA A 358 14.18 -2.60 11.62
C ALA A 358 14.86 -3.02 12.93
N LYS A 359 16.19 -2.94 12.96
CA LYS A 359 16.95 -3.39 14.14
C LYS A 359 16.99 -2.35 15.25
N LEU A 360 16.53 -1.13 14.99
CA LEU A 360 16.51 -0.08 16.02
C LEU A 360 15.23 -0.25 16.82
N VAL A 361 15.30 -1.07 17.87
CA VAL A 361 14.13 -1.38 18.67
C VAL A 361 14.55 -1.74 20.09
N MET B 1 20.52 -27.84 22.09
CA MET B 1 19.17 -27.33 21.83
C MET B 1 18.78 -27.53 20.37
N GLU B 2 19.75 -27.98 19.57
CA GLU B 2 19.50 -28.29 18.17
C GLU B 2 18.28 -29.19 17.98
N ALA B 3 18.02 -30.08 18.94
CA ALA B 3 16.96 -31.07 18.80
C ALA B 3 15.82 -30.83 19.80
N VAL B 4 15.62 -29.59 20.23
CA VAL B 4 14.55 -29.37 21.21
C VAL B 4 13.21 -29.71 20.60
N PRO B 5 12.31 -30.40 21.31
CA PRO B 5 10.94 -30.58 20.82
C PRO B 5 10.27 -29.24 20.56
N ARG B 6 9.38 -29.24 19.58
CA ARG B 6 8.74 -28.02 19.09
C ARG B 6 7.51 -27.68 19.90
N MET B 7 7.36 -26.37 20.23
CA MET B 7 6.14 -25.91 20.90
C MET B 7 4.97 -25.86 19.92
N PRO B 8 3.74 -26.05 20.38
CA PRO B 8 2.58 -25.81 19.51
C PRO B 8 2.42 -24.32 19.23
N MET B 9 1.66 -24.02 18.18
CA MET B 9 1.45 -22.65 17.72
C MET B 9 -0.03 -22.33 17.68
N ILE B 10 -0.33 -21.04 17.78
CA ILE B 10 -1.68 -20.48 17.71
C ILE B 10 -2.03 -20.22 16.24
N TRP B 11 -3.29 -20.43 15.88
N TRP B 11 -3.30 -20.43 15.89
CA TRP B 11 -3.79 -20.05 14.57
CA TRP B 11 -3.82 -20.10 14.57
C TRP B 11 -5.16 -19.39 14.74
C TRP B 11 -5.20 -19.47 14.72
N LEU B 12 -5.61 -18.75 13.68
CA LEU B 12 -6.91 -18.10 13.64
C LEU B 12 -7.84 -18.82 12.70
N ASP B 13 -9.13 -18.89 13.06
CA ASP B 13 -10.14 -19.47 12.20
C ASP B 13 -10.48 -18.53 11.06
N LEU B 14 -10.97 -19.09 9.96
CA LEU B 14 -11.45 -18.27 8.85
C LEU B 14 -12.90 -17.85 9.08
N LYS B 15 -13.22 -16.68 8.55
CA LYS B 15 -14.58 -16.16 8.55
C LYS B 15 -15.44 -16.83 7.48
N GLU B 16 -16.73 -17.00 7.79
CA GLU B 16 -17.71 -17.56 6.86
C GLU B 16 -18.33 -16.44 6.04
N ALA B 17 -18.39 -16.65 4.72
CA ALA B 17 -18.93 -15.65 3.81
C ALA B 17 -20.44 -15.84 3.62
N GLY B 18 -21.14 -14.73 3.48
CA GLY B 18 -22.50 -14.67 2.98
C GLY B 18 -22.51 -14.18 1.55
N ASP B 19 -23.57 -13.48 1.18
CA ASP B 19 -23.80 -13.12 -0.21
C ASP B 19 -23.05 -11.86 -0.62
N PHE B 20 -22.69 -11.80 -1.91
CA PHE B 20 -22.15 -10.61 -2.57
C PHE B 20 -22.65 -10.67 -4.02
N HIS B 21 -23.88 -10.19 -4.23
CA HIS B 21 -24.52 -10.30 -5.55
C HIS B 21 -24.14 -9.10 -6.42
N PHE B 22 -22.90 -9.12 -6.92
CA PHE B 22 -22.38 -7.99 -7.68
C PHE B 22 -22.87 -7.96 -9.12
N GLN B 23 -23.26 -9.11 -9.68
CA GLN B 23 -23.51 -9.18 -11.12
CA GLN B 23 -23.51 -9.17 -11.12
C GLN B 23 -24.62 -8.23 -11.58
N PRO B 24 -25.79 -8.17 -10.94
CA PRO B 24 -26.83 -7.26 -11.45
C PRO B 24 -26.44 -5.80 -11.37
N ALA B 25 -25.63 -5.43 -10.38
CA ALA B 25 -25.21 -4.04 -10.23
C ALA B 25 -24.22 -3.64 -11.31
N VAL B 26 -23.26 -4.52 -11.63
CA VAL B 26 -22.34 -4.21 -12.72
C VAL B 26 -23.10 -4.08 -14.04
N LYS B 27 -24.06 -4.97 -14.26
CA LYS B 27 -24.82 -4.92 -15.51
C LYS B 27 -25.61 -3.62 -15.64
N LYS B 28 -26.30 -3.20 -14.57
CA LYS B 28 -27.01 -1.93 -14.62
C LYS B 28 -26.04 -0.78 -14.87
N PHE B 29 -24.86 -0.84 -14.26
CA PHE B 29 -23.88 0.24 -14.41
C PHE B 29 -23.42 0.35 -15.85
N VAL B 30 -23.17 -0.79 -16.50
CA VAL B 30 -22.69 -0.79 -17.86
C VAL B 30 -23.72 -0.18 -18.79
N LEU B 31 -25.00 -0.55 -18.60
CA LEU B 31 -26.03 -0.03 -19.48
C LEU B 31 -26.22 1.47 -19.28
N LYS B 32 -26.29 1.90 -18.02
CA LYS B 32 -26.58 3.29 -17.70
C LYS B 32 -25.40 4.21 -18.04
N ASN B 33 -24.17 3.74 -17.88
CA ASN B 33 -23.00 4.59 -18.04
C ASN B 33 -22.24 4.39 -19.34
N TYR B 34 -22.18 3.17 -19.87
CA TYR B 34 -21.50 2.97 -21.14
C TYR B 34 -22.44 2.99 -22.33
N GLY B 35 -23.75 2.86 -22.11
CA GLY B 35 -24.68 2.69 -23.21
C GLY B 35 -24.54 1.37 -23.94
N GLU B 36 -23.93 0.37 -23.31
CA GLU B 36 -23.69 -0.93 -23.93
C GLU B 36 -24.68 -1.96 -23.40
N ASN B 37 -24.83 -3.02 -24.17
CA ASN B 37 -25.64 -4.17 -23.77
C ASN B 37 -25.25 -4.60 -22.35
N PRO B 38 -26.18 -4.63 -21.40
CA PRO B 38 -25.82 -5.01 -20.03
C PRO B 38 -25.28 -6.42 -19.92
N GLU B 39 -25.45 -7.25 -20.95
CA GLU B 39 -24.95 -8.62 -20.97
C GLU B 39 -23.60 -8.75 -21.66
N ALA B 40 -22.99 -7.64 -22.10
CA ALA B 40 -21.76 -7.71 -22.88
C ALA B 40 -20.56 -8.22 -22.08
N TYR B 41 -20.65 -8.21 -20.75
CA TYR B 41 -19.52 -8.58 -19.91
C TYR B 41 -19.84 -9.82 -19.09
N ASN B 42 -20.71 -10.68 -19.59
CA ASN B 42 -21.13 -11.85 -18.82
C ASN B 42 -19.96 -12.81 -18.57
N GLU B 43 -19.05 -12.93 -19.53
CA GLU B 43 -17.92 -13.82 -19.37
C GLU B 43 -17.00 -13.33 -18.25
N GLU B 44 -16.76 -12.02 -18.20
CA GLU B 44 -15.99 -11.44 -17.11
C GLU B 44 -16.67 -11.69 -15.77
N LEU B 45 -17.97 -11.42 -15.70
CA LEU B 45 -18.66 -11.57 -14.42
C LEU B 45 -18.66 -13.02 -13.98
N LYS B 46 -18.78 -13.95 -14.93
CA LYS B 46 -18.74 -15.36 -14.57
C LYS B 46 -17.37 -15.75 -14.02
N LYS B 47 -16.30 -15.21 -14.61
CA LYS B 47 -14.97 -15.52 -14.09
C LYS B 47 -14.83 -15.05 -12.65
N LEU B 48 -15.33 -13.86 -12.34
CA LEU B 48 -15.18 -13.39 -10.96
C LEU B 48 -16.05 -14.20 -10.02
N GLU B 49 -17.24 -14.58 -10.45
CA GLU B 49 -18.13 -15.38 -9.60
C GLU B 49 -17.48 -16.72 -9.25
N LEU B 50 -16.84 -17.38 -10.22
CA LEU B 50 -16.18 -18.66 -9.94
C LEU B 50 -14.99 -18.48 -9.03
N LEU B 51 -14.26 -17.37 -9.17
N LEU B 51 -14.28 -17.36 -9.18
CA LEU B 51 -13.16 -17.10 -8.25
CA LEU B 51 -13.18 -17.04 -8.28
C LEU B 51 -13.69 -16.89 -6.84
C LEU B 51 -13.65 -16.84 -6.86
N ARG B 52 -14.81 -16.19 -6.69
CA ARG B 52 -15.35 -16.00 -5.36
C ARG B 52 -15.81 -17.32 -4.76
N GLN B 53 -16.50 -18.13 -5.56
CA GLN B 53 -16.93 -19.46 -5.08
C GLN B 53 -15.73 -20.27 -4.57
N ASN B 54 -14.61 -20.20 -5.28
CA ASN B 54 -13.43 -20.93 -4.83
CA ASN B 54 -13.44 -20.94 -4.82
C ASN B 54 -12.86 -20.33 -3.55
N ALA B 55 -12.88 -19.00 -3.45
CA ALA B 55 -12.34 -18.33 -2.26
C ALA B 55 -13.17 -18.61 -1.01
N VAL B 56 -14.50 -18.65 -1.13
CA VAL B 56 -15.31 -18.89 0.07
C VAL B 56 -15.33 -20.36 0.44
N ARG B 57 -14.91 -21.25 -0.45
CA ARG B 57 -14.72 -22.67 -0.18
C ARG B 57 -13.24 -23.02 -0.12
N VAL B 58 -12.41 -22.12 0.40
CA VAL B 58 -10.96 -22.24 0.19
C VAL B 58 -10.42 -23.46 0.93
N PRO B 59 -9.62 -24.30 0.28
CA PRO B 59 -9.05 -25.46 0.98
C PRO B 59 -7.97 -25.04 1.98
N ARG B 60 -7.90 -25.78 3.08
CA ARG B 60 -6.89 -25.56 4.12
C ARG B 60 -5.58 -26.23 3.72
N ASP B 61 -5.04 -25.80 2.59
CA ASP B 61 -3.80 -26.33 2.06
C ASP B 61 -3.03 -25.19 1.43
N PHE B 62 -1.85 -25.50 0.89
CA PHE B 62 -0.97 -24.44 0.42
C PHE B 62 -1.59 -23.63 -0.71
N GLU B 63 -2.30 -24.30 -1.63
CA GLU B 63 -2.88 -23.62 -2.79
C GLU B 63 -4.00 -22.66 -2.40
N GLY B 64 -4.58 -22.83 -1.21
CA GLY B 64 -5.64 -21.94 -0.78
C GLY B 64 -5.21 -20.48 -0.73
N CYS B 65 -3.95 -20.22 -0.36
CA CYS B 65 -3.52 -18.84 -0.26
C CYS B 65 -3.57 -18.15 -1.61
N SER B 66 -3.20 -18.88 -2.67
CA SER B 66 -3.21 -18.27 -3.99
C SER B 66 -4.64 -18.03 -4.47
N VAL B 67 -5.59 -18.90 -4.13
CA VAL B 67 -6.99 -18.66 -4.46
C VAL B 67 -7.46 -17.35 -3.85
N LEU B 68 -7.14 -17.13 -2.57
CA LEU B 68 -7.55 -15.89 -1.91
C LEU B 68 -6.83 -14.69 -2.52
N ARG B 69 -5.52 -14.82 -2.79
CA ARG B 69 -4.77 -13.70 -3.36
C ARG B 69 -5.32 -13.32 -4.73
N LYS B 70 -5.67 -14.32 -5.54
CA LYS B 70 -6.16 -14.02 -6.88
C LYS B 70 -7.50 -13.31 -6.82
N TYR B 71 -8.41 -13.82 -5.99
CA TYR B 71 -9.71 -13.18 -5.85
C TYR B 71 -9.56 -11.76 -5.30
N LEU B 72 -8.73 -11.59 -4.27
CA LEU B 72 -8.53 -10.25 -3.69
C LEU B 72 -8.06 -9.26 -4.75
N GLY B 73 -7.13 -9.68 -5.62
CA GLY B 73 -6.64 -8.78 -6.65
C GLY B 73 -7.70 -8.46 -7.69
N GLN B 74 -8.45 -9.47 -8.13
CA GLN B 74 -9.50 -9.20 -9.12
C GLN B 74 -10.60 -8.32 -8.54
N LEU B 75 -10.86 -8.42 -7.23
CA LEU B 75 -11.77 -7.46 -6.60
C LEU B 75 -11.25 -6.04 -6.73
N HIS B 76 -9.93 -5.85 -6.60
CA HIS B 76 -9.39 -4.50 -6.76
C HIS B 76 -9.56 -4.04 -8.20
N TYR B 77 -9.42 -4.96 -9.16
CA TYR B 77 -9.58 -4.58 -10.57
C TYR B 77 -11.02 -4.19 -10.86
N LEU B 78 -12.00 -4.87 -10.25
CA LEU B 78 -13.39 -4.49 -10.44
C LEU B 78 -13.68 -3.14 -9.79
N GLN B 79 -13.22 -2.96 -8.55
CA GLN B 79 -13.45 -1.73 -7.81
C GLN B 79 -12.93 -0.50 -8.56
N SER B 80 -11.82 -0.64 -9.28
CA SER B 80 -11.26 0.52 -9.97
C SER B 80 -12.08 0.95 -11.18
N ARG B 81 -12.96 0.09 -11.70
CA ARG B 81 -13.79 0.46 -12.83
CA ARG B 81 -13.79 0.42 -12.84
C ARG B 81 -15.26 0.65 -12.51
N VAL B 82 -15.76 0.03 -11.43
CA VAL B 82 -17.19 0.09 -11.14
C VAL B 82 -17.35 0.60 -9.72
N PRO B 83 -18.19 1.62 -9.48
CA PRO B 83 -18.25 2.24 -8.14
C PRO B 83 -19.12 1.47 -7.17
N MET B 84 -18.52 0.63 -6.32
CA MET B 84 -19.26 -0.26 -5.43
C MET B 84 -18.98 0.01 -3.96
N GLY B 85 -18.46 1.20 -3.63
CA GLY B 85 -18.32 1.60 -2.24
C GLY B 85 -19.65 2.08 -1.69
N SER B 86 -19.69 2.31 -0.37
CA SER B 86 -20.94 2.66 0.28
CA SER B 86 -20.95 2.66 0.28
C SER B 86 -21.52 3.94 -0.31
N GLY B 87 -22.82 3.91 -0.62
CA GLY B 87 -23.50 5.06 -1.18
C GLY B 87 -23.23 5.31 -2.65
N GLN B 88 -22.40 4.47 -3.29
CA GLN B 88 -22.05 4.65 -4.69
C GLN B 88 -23.06 3.93 -5.57
N GLU B 89 -23.00 4.25 -6.86
CA GLU B 89 -24.09 3.88 -7.76
C GLU B 89 -24.30 2.37 -7.81
N ALA B 90 -23.21 1.59 -7.84
CA ALA B 90 -23.29 0.16 -8.05
C ALA B 90 -23.10 -0.64 -6.77
N ALA B 91 -23.19 -0.01 -5.61
CA ALA B 91 -22.96 -0.71 -4.35
C ALA B 91 -24.07 -1.72 -4.08
N VAL B 92 -23.68 -2.89 -3.58
CA VAL B 92 -24.62 -3.95 -3.19
C VAL B 92 -24.24 -4.43 -1.80
N PRO B 93 -25.17 -5.09 -1.10
CA PRO B 93 -24.82 -5.66 0.21
C PRO B 93 -23.74 -6.72 0.09
N VAL B 94 -22.86 -6.72 1.08
CA VAL B 94 -21.85 -7.75 1.31
C VAL B 94 -22.09 -8.26 2.72
N THR B 95 -22.22 -9.58 2.88
CA THR B 95 -22.50 -10.16 4.19
C THR B 95 -21.43 -11.20 4.53
N TRP B 96 -20.87 -11.08 5.74
CA TRP B 96 -19.94 -12.05 6.29
C TRP B 96 -20.31 -12.25 7.76
N THR B 97 -19.83 -13.36 8.33
CA THR B 97 -20.11 -13.68 9.73
C THR B 97 -18.97 -13.20 10.61
N GLU B 98 -19.30 -12.44 11.66
CA GLU B 98 -18.31 -12.02 12.63
C GLU B 98 -17.88 -13.26 13.43
N ILE B 99 -16.57 -13.48 13.53
CA ILE B 99 -16.10 -14.81 13.88
C ILE B 99 -16.37 -15.12 15.36
N PHE B 100 -16.28 -14.12 16.23
CA PHE B 100 -16.34 -14.41 17.66
C PHE B 100 -17.78 -14.57 18.14
N SER B 101 -18.70 -13.78 17.62
CA SER B 101 -20.11 -13.87 17.98
C SER B 101 -20.91 -14.80 17.09
N GLY B 102 -20.43 -15.07 15.87
CA GLY B 102 -21.28 -15.77 14.91
C GLY B 102 -22.39 -14.95 14.30
N LYS B 103 -22.43 -13.64 14.56
CA LYS B 103 -23.49 -12.80 14.02
C LYS B 103 -23.15 -12.37 12.60
N SER B 104 -24.18 -12.29 11.75
CA SER B 104 -24.03 -11.79 10.40
C SER B 104 -23.89 -10.27 10.43
N VAL B 105 -22.93 -9.76 9.66
CA VAL B 105 -22.69 -8.32 9.58
C VAL B 105 -22.67 -7.96 8.11
N ALA B 106 -23.49 -7.00 7.72
CA ALA B 106 -23.60 -6.59 6.32
C ALA B 106 -23.19 -5.14 6.14
N HIS B 107 -22.49 -4.87 5.04
CA HIS B 107 -22.17 -3.52 4.60
C HIS B 107 -22.29 -3.45 3.08
N GLU B 108 -22.81 -2.34 2.57
CA GLU B 108 -22.95 -2.15 1.13
C GLU B 108 -21.66 -1.53 0.58
N ASP B 109 -20.60 -2.32 0.59
CA ASP B 109 -19.28 -1.78 0.31
C ASP B 109 -18.35 -2.91 -0.12
N ILE B 110 -17.83 -2.81 -1.34
CA ILE B 110 -16.90 -3.82 -1.83
C ILE B 110 -15.65 -3.91 -0.96
N LYS B 111 -15.28 -2.81 -0.29
CA LYS B 111 -14.11 -2.86 0.58
C LYS B 111 -14.31 -3.80 1.77
N TYR B 112 -15.56 -4.05 2.17
CA TYR B 112 -15.82 -5.01 3.23
C TYR B 112 -15.54 -6.43 2.73
N GLU B 113 -15.92 -6.73 1.49
CA GLU B 113 -15.55 -8.01 0.91
C GLU B 113 -14.03 -8.16 0.84
N GLN B 114 -13.33 -7.10 0.44
CA GLN B 114 -11.86 -7.16 0.39
C GLN B 114 -11.29 -7.38 1.78
N ALA B 115 -11.80 -6.66 2.78
CA ALA B 115 -11.27 -6.80 4.13
C ALA B 115 -11.42 -8.23 4.64
N CYS B 116 -12.57 -8.86 4.41
CA CYS B 116 -12.80 -10.22 4.90
C CYS B 116 -11.90 -11.22 4.19
N ILE B 117 -11.70 -11.05 2.88
CA ILE B 117 -10.76 -11.91 2.15
C ILE B 117 -9.34 -11.75 2.69
N LEU B 118 -8.91 -10.51 2.93
CA LEU B 118 -7.60 -10.28 3.54
C LEU B 118 -7.49 -10.96 4.90
N TYR B 119 -8.54 -10.83 5.72
CA TYR B 119 -8.55 -11.50 7.02
C TYR B 119 -8.34 -12.99 6.84
N ASN B 120 -9.09 -13.60 5.92
CA ASN B 120 -9.00 -15.03 5.73
C ASN B 120 -7.66 -15.44 5.16
N LEU B 121 -7.01 -14.56 4.39
CA LEU B 121 -5.65 -14.82 3.95
C LEU B 121 -4.71 -14.92 5.15
N GLY B 122 -4.84 -13.97 6.08
CA GLY B 122 -4.03 -14.04 7.29
C GLY B 122 -4.36 -15.27 8.13
N ALA B 123 -5.65 -15.55 8.30
CA ALA B 123 -6.03 -16.73 9.07
C ALA B 123 -5.51 -18.01 8.42
N LEU B 124 -5.64 -18.14 7.10
CA LEU B 124 -5.21 -19.38 6.46
C LEU B 124 -3.70 -19.56 6.60
N HIS B 125 -2.93 -18.49 6.39
CA HIS B 125 -1.49 -18.58 6.61
C HIS B 125 -1.19 -18.99 8.04
N SER B 126 -1.92 -18.44 9.02
CA SER B 126 -1.67 -18.83 10.39
C SER B 126 -1.93 -20.32 10.59
N MET B 127 -2.96 -20.86 9.93
CA MET B 127 -3.27 -22.27 10.08
CA MET B 127 -3.27 -22.28 10.07
C MET B 127 -2.17 -23.14 9.46
N LEU B 128 -1.75 -22.78 8.25
CA LEU B 128 -0.75 -23.59 7.57
C LEU B 128 0.57 -23.55 8.32
N GLY B 129 0.94 -22.40 8.87
CA GLY B 129 2.12 -22.33 9.71
C GLY B 129 2.03 -23.21 10.94
N ALA B 130 0.86 -23.25 11.56
CA ALA B 130 0.69 -24.01 12.81
C ALA B 130 0.53 -25.50 12.56
N MET B 131 0.27 -25.94 11.33
CA MET B 131 0.05 -27.36 11.09
C MET B 131 1.35 -28.14 10.95
N ASP B 132 2.46 -27.50 10.64
CA ASP B 132 3.69 -28.26 10.43
C ASP B 132 4.36 -28.61 11.73
N LYS B 133 5.04 -29.76 11.75
CA LYS B 133 5.76 -30.18 12.95
C LYS B 133 7.11 -29.49 13.09
N ARG B 134 7.61 -28.83 12.05
CA ARG B 134 8.80 -27.96 12.12
C ARG B 134 10.05 -28.74 12.52
N VAL B 135 10.18 -29.97 12.01
CA VAL B 135 11.34 -30.80 12.30
C VAL B 135 12.25 -31.01 11.10
N SER B 136 11.85 -30.57 9.92
CA SER B 136 12.68 -30.61 8.73
C SER B 136 13.04 -29.20 8.30
N GLU B 137 14.11 -29.08 7.51
CA GLU B 137 14.53 -27.76 7.02
C GLU B 137 13.40 -27.09 6.26
N GLU B 138 12.74 -27.83 5.37
CA GLU B 138 11.65 -27.23 4.60
C GLU B 138 10.50 -26.83 5.50
N GLY B 139 10.13 -27.70 6.45
CA GLY B 139 9.00 -27.39 7.32
C GLY B 139 9.23 -26.14 8.17
N MET B 140 10.44 -25.99 8.68
CA MET B 140 10.76 -24.79 9.44
C MET B 140 10.70 -23.54 8.58
N LYS B 141 11.28 -23.61 7.36
CA LYS B 141 11.24 -22.47 6.45
C LYS B 141 9.81 -22.15 6.02
N VAL B 142 9.03 -23.18 5.70
CA VAL B 142 7.66 -22.94 5.25
C VAL B 142 6.82 -22.34 6.38
N SER B 143 7.01 -22.84 7.60
CA SER B 143 6.23 -22.31 8.72
C SER B 143 6.60 -20.86 9.01
N CYS B 144 7.90 -20.57 9.04
CA CYS B 144 8.34 -19.20 9.26
C CYS B 144 7.75 -18.26 8.23
N THR B 145 7.76 -18.69 6.97
CA THR B 145 7.18 -17.86 5.90
C THR B 145 5.67 -17.69 6.11
N HIS B 146 4.95 -18.77 6.43
CA HIS B 146 3.51 -18.64 6.66
C HIS B 146 3.22 -17.62 7.77
N PHE B 147 3.95 -17.70 8.89
CA PHE B 147 3.63 -16.77 9.96
C PHE B 147 3.97 -15.34 9.57
N GLN B 148 5.04 -15.13 8.79
CA GLN B 148 5.33 -13.78 8.31
C GLN B 148 4.26 -13.29 7.33
N CYS B 149 3.73 -14.19 6.50
CA CYS B 149 2.67 -13.82 5.57
C CYS B 149 1.38 -13.47 6.31
N ALA B 150 1.07 -14.22 7.36
CA ALA B 150 -0.10 -13.91 8.19
C ALA B 150 0.04 -12.53 8.83
N ALA B 151 1.21 -12.24 9.41
CA ALA B 151 1.47 -10.91 9.95
C ALA B 151 1.27 -9.83 8.89
N GLY B 152 1.80 -10.07 7.68
CA GLY B 152 1.64 -9.10 6.61
C GLY B 152 0.19 -8.87 6.21
N ALA B 153 -0.60 -9.93 6.17
CA ALA B 153 -2.01 -9.76 5.81
C ALA B 153 -2.76 -8.99 6.88
N PHE B 154 -2.53 -9.33 8.15
CA PHE B 154 -3.23 -8.59 9.21
C PHE B 154 -2.74 -7.16 9.30
N ALA B 155 -1.44 -6.93 9.04
CA ALA B 155 -0.94 -5.55 9.10
C ALA B 155 -1.48 -4.73 7.92
N TYR B 156 -1.60 -5.35 6.75
CA TYR B 156 -2.20 -4.67 5.61
C TYR B 156 -3.65 -4.31 5.89
N LEU B 157 -4.40 -5.29 6.43
CA LEU B 157 -5.78 -5.05 6.80
C LEU B 157 -5.89 -3.90 7.81
N ARG B 158 -5.02 -3.91 8.82
CA ARG B 158 -5.02 -2.85 9.82
C ARG B 158 -4.76 -1.48 9.21
N GLU B 159 -3.82 -1.41 8.27
CA GLU B 159 -3.45 -0.12 7.70
C GLU B 159 -4.51 0.37 6.72
N HIS B 160 -5.05 -0.52 5.89
CA HIS B 160 -5.84 -0.12 4.73
C HIS B 160 -7.34 -0.15 4.95
N PHE B 161 -7.82 -0.80 6.01
CA PHE B 161 -9.25 -0.89 6.26
C PHE B 161 -9.54 -0.50 7.70
N PRO B 162 -9.26 0.74 8.07
CA PRO B 162 -9.51 1.20 9.44
C PRO B 162 -10.97 1.50 9.74
N GLN B 163 -11.88 1.20 8.80
CA GLN B 163 -13.30 1.34 9.08
C GLN B 163 -13.77 0.41 10.18
N ALA B 164 -12.96 -0.57 10.57
CA ALA B 164 -13.36 -1.63 11.49
C ALA B 164 -14.76 -2.10 11.15
N TYR B 165 -14.90 -2.83 10.04
CA TYR B 165 -16.22 -3.27 9.61
C TYR B 165 -16.88 -4.20 10.61
N SER B 166 -16.10 -4.88 11.44
CA SER B 166 -16.67 -5.70 12.51
C SER B 166 -15.60 -5.85 13.57
N VAL B 167 -16.03 -6.29 14.76
CA VAL B 167 -15.17 -6.20 15.94
C VAL B 167 -14.01 -7.17 15.86
N ASP B 168 -14.10 -8.21 15.00
CA ASP B 168 -12.96 -9.10 14.84
C ASP B 168 -11.84 -8.45 14.03
N MET B 169 -12.07 -7.25 13.49
CA MET B 169 -11.06 -6.59 12.68
C MET B 169 -10.75 -5.18 13.18
N SER B 170 -10.93 -4.92 14.47
CA SER B 170 -10.53 -3.64 15.04
C SER B 170 -9.01 -3.49 15.06
N ARG B 171 -8.54 -2.24 15.13
CA ARG B 171 -7.10 -2.00 15.15
C ARG B 171 -6.41 -2.76 16.27
N GLN B 172 -6.98 -2.74 17.48
CA GLN B 172 -6.29 -3.36 18.62
C GLN B 172 -6.25 -4.87 18.51
N ILE B 173 -7.30 -5.49 17.95
CA ILE B 173 -7.29 -6.94 17.81
C ILE B 173 -6.37 -7.36 16.68
N LEU B 174 -6.36 -6.61 15.58
CA LEU B 174 -5.42 -6.92 14.51
C LEU B 174 -3.98 -6.77 14.98
N THR B 175 -3.72 -5.80 15.88
CA THR B 175 -2.37 -5.61 16.40
C THR B 175 -1.96 -6.81 17.25
N LEU B 176 -2.89 -7.37 18.04
CA LEU B 176 -2.62 -8.61 18.73
C LEU B 176 -2.29 -9.72 17.74
N ASN B 177 -3.05 -9.80 16.63
CA ASN B 177 -2.78 -10.85 15.66
C ASN B 177 -1.39 -10.67 15.06
N VAL B 178 -1.03 -9.44 14.72
CA VAL B 178 0.28 -9.18 14.11
C VAL B 178 1.40 -9.56 15.08
N ASN B 179 1.31 -9.10 16.33
CA ASN B 179 2.39 -9.42 17.29
C ASN B 179 2.48 -10.92 17.52
N LEU B 180 1.34 -11.61 17.60
CA LEU B 180 1.38 -13.06 17.77
C LEU B 180 2.04 -13.73 16.57
N MET B 181 1.68 -13.32 15.36
CA MET B 181 2.26 -13.96 14.17
C MET B 181 3.75 -13.66 14.05
N LEU B 182 4.18 -12.44 14.37
CA LEU B 182 5.61 -12.15 14.33
C LEU B 182 6.35 -12.95 15.38
N GLY B 183 5.77 -13.08 16.57
CA GLY B 183 6.39 -13.89 17.60
C GLY B 183 6.56 -15.34 17.15
N GLN B 184 5.54 -15.88 16.50
CA GLN B 184 5.62 -17.26 16.06
C GLN B 184 6.62 -17.42 14.91
N ALA B 185 6.64 -16.47 13.97
CA ALA B 185 7.66 -16.53 12.93
C ALA B 185 9.06 -16.45 13.54
N GLN B 186 9.25 -15.55 14.52
CA GLN B 186 10.55 -15.42 15.15
C GLN B 186 10.91 -16.70 15.93
N GLU B 187 9.91 -17.35 16.54
CA GLU B 187 10.16 -18.63 17.19
C GLU B 187 10.62 -19.69 16.18
N CYS B 188 10.02 -19.71 14.99
CA CYS B 188 10.46 -20.64 13.96
C CYS B 188 11.91 -20.38 13.57
N LEU B 189 12.27 -19.09 13.46
CA LEU B 189 13.63 -18.72 13.10
C LEU B 189 14.60 -19.06 14.23
N LEU B 190 14.16 -18.91 15.48
CA LEU B 190 14.99 -19.35 16.60
C LEU B 190 15.32 -20.83 16.50
N GLU B 191 14.32 -21.67 16.25
CA GLU B 191 14.55 -23.09 16.07
C GLU B 191 15.57 -23.35 14.97
N LYS B 192 15.43 -22.64 13.84
CA LYS B 192 16.38 -22.77 12.76
C LYS B 192 17.78 -22.38 13.20
N SER B 193 17.89 -21.26 13.93
CA SER B 193 19.22 -20.80 14.35
C SER B 193 19.88 -21.80 15.29
N MET B 194 19.08 -22.53 16.08
CA MET B 194 19.66 -23.51 16.98
C MET B 194 20.04 -24.79 16.24
N LEU B 195 19.23 -25.23 15.28
CA LEU B 195 19.58 -26.37 14.45
C LEU B 195 20.90 -26.12 13.71
N ASP B 196 21.08 -24.90 13.22
CA ASP B 196 22.29 -24.48 12.54
C ASP B 196 23.49 -24.33 13.48
N ASN B 197 23.26 -24.30 14.79
CA ASN B 197 24.31 -23.96 15.77
C ASN B 197 24.96 -22.62 15.40
N ARG B 198 24.13 -21.60 15.20
CA ARG B 198 24.61 -20.27 14.94
C ARG B 198 25.22 -19.65 16.20
N LYS B 199 25.83 -18.48 16.01
CA LYS B 199 26.55 -17.77 17.04
C LYS B 199 25.69 -17.60 18.30
N SER B 200 26.25 -17.99 19.45
CA SER B 200 25.45 -18.06 20.69
C SER B 200 24.82 -16.70 21.04
N PHE B 201 25.56 -15.61 20.91
CA PHE B 201 25.03 -14.30 21.25
C PHE B 201 23.87 -13.92 20.34
N LEU B 202 24.00 -14.27 19.05
CA LEU B 202 22.91 -14.02 18.11
C LEU B 202 21.67 -14.83 18.48
N VAL B 203 21.85 -16.12 18.80
CA VAL B 203 20.72 -16.94 19.22
C VAL B 203 20.03 -16.34 20.44
N ALA B 204 20.84 -15.80 21.38
CA ALA B 204 20.25 -15.14 22.54
C ALA B 204 19.40 -13.95 22.13
N ARG B 205 19.88 -13.15 21.17
CA ARG B 205 19.14 -11.95 20.76
C ARG B 205 17.90 -12.34 19.98
N ILE B 206 18.00 -13.39 19.17
CA ILE B 206 16.81 -13.91 18.48
C ILE B 206 15.75 -14.32 19.50
N SER B 207 16.16 -15.04 20.55
CA SER B 207 15.20 -15.52 21.53
C SER B 207 14.60 -14.37 22.34
N ALA B 208 15.43 -13.37 22.67
CA ALA B 208 14.93 -12.20 23.38
C ALA B 208 13.86 -11.48 22.58
N GLN B 209 13.98 -11.45 21.25
CA GLN B 209 12.94 -10.84 20.43
C GLN B 209 11.66 -11.66 20.40
N VAL B 210 11.76 -13.00 20.43
CA VAL B 210 10.54 -13.80 20.61
C VAL B 210 9.80 -13.32 21.85
N VAL B 211 10.52 -13.14 22.95
CA VAL B 211 9.92 -12.71 24.21
C VAL B 211 9.24 -11.36 24.04
N ASP B 212 9.90 -10.43 23.36
CA ASP B 212 9.34 -9.07 23.20
C ASP B 212 8.02 -9.07 22.42
N TYR B 213 7.95 -9.83 21.31
CA TYR B 213 6.69 -9.94 20.58
C TYR B 213 5.61 -10.57 21.46
N TYR B 214 5.96 -11.61 22.21
CA TYR B 214 4.94 -12.29 23.00
C TYR B 214 4.50 -11.43 24.18
N LYS B 215 5.40 -10.58 24.70
CA LYS B 215 5.00 -9.67 25.77
C LYS B 215 3.97 -8.66 25.29
N GLU B 216 4.13 -8.18 24.05
CA GLU B 216 3.13 -7.29 23.47
C GLU B 216 1.79 -8.01 23.29
N ALA B 217 1.82 -9.26 22.82
CA ALA B 217 0.58 -10.03 22.70
C ALA B 217 -0.04 -10.30 24.06
N CYS B 218 0.79 -10.61 25.05
CA CYS B 218 0.28 -10.95 26.37
C CYS B 218 -0.39 -9.74 27.02
N ARG B 219 0.17 -8.55 26.79
CA ARG B 219 -0.48 -7.33 27.30
C ARG B 219 -1.92 -7.24 26.80
N ALA B 220 -2.12 -7.42 25.50
CA ALA B 220 -3.47 -7.38 24.94
C ALA B 220 -4.32 -8.52 25.50
N LEU B 221 -3.72 -9.70 25.67
CA LEU B 221 -4.49 -10.85 26.16
C LEU B 221 -4.84 -10.74 27.64
N GLU B 222 -4.24 -9.83 28.37
CA GLU B 222 -4.60 -9.61 29.76
C GLU B 222 -5.53 -8.42 29.94
N ASN B 223 -5.98 -7.82 28.84
CA ASN B 223 -6.94 -6.71 28.84
C ASN B 223 -8.36 -7.26 28.88
N PRO B 224 -9.20 -6.81 29.81
CA PRO B 224 -10.57 -7.34 29.86
C PRO B 224 -11.35 -7.16 28.57
N ASP B 225 -11.04 -6.14 27.76
CA ASP B 225 -11.77 -5.97 26.50
C ASP B 225 -11.49 -7.13 25.54
N THR B 226 -10.23 -7.56 25.47
CA THR B 226 -9.87 -8.73 24.68
C THR B 226 -10.49 -10.00 25.26
N ALA B 227 -10.43 -10.15 26.58
CA ALA B 227 -11.02 -11.33 27.21
C ALA B 227 -12.50 -11.43 26.90
N SER B 228 -13.20 -10.29 26.91
CA SER B 228 -14.65 -10.33 26.65
CA SER B 228 -14.65 -10.32 26.65
C SER B 228 -14.95 -10.68 25.20
N LEU B 229 -14.15 -10.16 24.27
CA LEU B 229 -14.40 -10.42 22.85
C LEU B 229 -14.04 -11.85 22.46
N LEU B 230 -12.84 -12.31 22.87
CA LEU B 230 -12.33 -13.61 22.45
C LEU B 230 -12.84 -14.76 23.31
N GLY B 231 -13.36 -14.48 24.51
CA GLY B 231 -13.87 -15.56 25.34
C GLY B 231 -12.80 -16.61 25.61
N ARG B 232 -13.19 -17.89 25.48
CA ARG B 232 -12.26 -18.96 25.81
C ARG B 232 -11.02 -18.95 24.93
N ILE B 233 -11.09 -18.33 23.75
CA ILE B 233 -9.88 -18.21 22.93
C ILE B 233 -8.84 -17.38 23.65
N GLN B 234 -9.27 -16.30 24.31
CA GLN B 234 -8.31 -15.51 25.06
C GLN B 234 -7.67 -16.32 26.18
N LYS B 235 -8.48 -17.15 26.87
CA LYS B 235 -7.91 -17.93 27.96
C LYS B 235 -6.88 -18.93 27.43
N ASP B 236 -7.21 -19.59 26.32
CA ASP B 236 -6.30 -20.58 25.73
C ASP B 236 -5.02 -19.93 25.24
N TRP B 237 -5.15 -18.83 24.48
CA TRP B 237 -3.97 -18.15 23.96
C TRP B 237 -3.10 -17.60 25.08
N LYS B 238 -3.73 -16.98 26.09
CA LYS B 238 -2.94 -16.37 27.15
C LYS B 238 -2.08 -17.40 27.87
N LYS B 239 -2.66 -18.58 28.15
CA LYS B 239 -1.92 -19.59 28.90
C LYS B 239 -0.66 -20.02 28.15
N LEU B 240 -0.76 -20.19 26.83
CA LEU B 240 0.41 -20.59 26.05
C LEU B 240 1.41 -19.45 25.96
N VAL B 241 0.93 -18.23 25.67
CA VAL B 241 1.84 -17.10 25.48
C VAL B 241 2.57 -16.74 26.77
N GLN B 242 1.86 -16.74 27.91
CA GLN B 242 2.55 -16.41 29.17
C GLN B 242 3.67 -17.41 29.46
N MET B 243 3.39 -18.69 29.23
CA MET B 243 4.40 -19.73 29.42
C MET B 243 5.58 -19.50 28.47
N LYS B 244 5.29 -19.22 27.20
CA LYS B 244 6.35 -18.99 26.22
C LYS B 244 7.23 -17.80 26.57
N ILE B 245 6.67 -16.76 27.20
CA ILE B 245 7.49 -15.61 27.58
C ILE B 245 8.63 -16.06 28.50
N TYR B 246 8.31 -16.86 29.50
CA TYR B 246 9.35 -17.33 30.42
C TYR B 246 10.25 -18.36 29.76
N TYR B 247 9.67 -19.22 28.92
CA TYR B 247 10.48 -20.24 28.23
C TYR B 247 11.54 -19.57 27.36
N PHE B 248 11.13 -18.64 26.50
CA PHE B 248 12.12 -18.07 25.61
C PHE B 248 13.04 -17.09 26.30
N ALA B 249 12.63 -16.56 27.47
CA ALA B 249 13.58 -15.80 28.27
C ALA B 249 14.66 -16.71 28.84
N ALA B 250 14.26 -17.91 29.25
CA ALA B 250 15.24 -18.91 29.70
C ALA B 250 16.18 -19.30 28.58
N VAL B 251 15.65 -19.49 27.37
CA VAL B 251 16.51 -19.83 26.23
C VAL B 251 17.47 -18.69 25.90
N ALA B 252 17.01 -17.45 26.01
CA ALA B 252 17.90 -16.31 25.78
C ALA B 252 19.05 -16.32 26.76
N HIS B 253 18.75 -16.52 28.05
CA HIS B 253 19.84 -16.46 29.01
C HIS B 253 20.70 -17.71 28.97
N LEU B 254 20.13 -18.87 28.65
CA LEU B 254 20.96 -20.04 28.36
C LEU B 254 22.03 -19.69 27.33
N HIS B 255 21.64 -19.01 26.25
CA HIS B 255 22.64 -18.73 25.23
C HIS B 255 23.58 -17.59 25.63
N MET B 256 23.12 -16.66 26.47
CA MET B 256 24.05 -15.68 27.06
C MET B 256 25.07 -16.39 27.93
N GLY B 257 24.66 -17.43 28.65
CA GLY B 257 25.62 -18.21 29.42
C GLY B 257 26.62 -18.93 28.53
N LYS B 258 26.15 -19.41 27.37
CA LYS B 258 27.05 -20.05 26.41
C LYS B 258 28.05 -19.06 25.84
N GLN B 259 27.61 -17.82 25.53
CA GLN B 259 28.57 -16.77 25.15
C GLN B 259 29.60 -16.56 26.23
N ALA B 260 29.15 -16.45 27.48
CA ALA B 260 30.08 -16.25 28.59
C ALA B 260 31.11 -17.38 28.67
N GLU B 261 30.65 -18.62 28.45
CA GLU B 261 31.56 -19.76 28.46
C GLU B 261 32.61 -19.63 27.36
N GLU B 262 32.16 -19.27 26.16
CA GLU B 262 33.09 -19.10 25.04
C GLU B 262 34.12 -18.03 25.33
N GLN B 263 33.73 -16.99 26.06
CA GLN B 263 34.60 -15.87 26.40
C GLN B 263 35.35 -16.09 27.71
N GLN B 264 35.21 -17.27 28.33
CA GLN B 264 35.87 -17.61 29.59
C GLN B 264 35.52 -16.62 30.69
N LYS B 265 34.26 -16.16 30.69
CA LYS B 265 33.74 -15.32 31.77
C LYS B 265 32.89 -16.25 32.64
N PHE B 266 33.57 -16.99 33.52
CA PHE B 266 32.92 -18.10 34.20
C PHE B 266 32.04 -17.68 35.36
N GLY B 267 32.24 -16.48 35.90
CA GLY B 267 31.29 -15.96 36.86
C GLY B 267 29.99 -15.53 36.20
N GLU B 268 30.09 -14.84 35.06
CA GLU B 268 28.90 -14.46 34.30
C GLU B 268 28.14 -15.70 33.83
N ARG B 269 28.87 -16.74 33.47
CA ARG B 269 28.23 -17.98 33.02
C ARG B 269 27.31 -18.54 34.09
N VAL B 270 27.76 -18.54 35.35
CA VAL B 270 26.90 -18.99 36.44
C VAL B 270 25.65 -18.10 36.52
N ALA B 271 25.85 -16.78 36.47
CA ALA B 271 24.73 -15.86 36.61
C ALA B 271 23.68 -16.10 35.53
N TYR B 272 24.12 -16.25 34.27
CA TYR B 272 23.16 -16.45 33.20
C TYR B 272 22.44 -17.81 33.32
N PHE B 273 23.17 -18.87 33.65
CA PHE B 273 22.53 -20.17 33.75
C PHE B 273 21.58 -20.21 34.94
N GLN B 274 21.94 -19.55 36.03
CA GLN B 274 21.04 -19.49 37.18
C GLN B 274 19.75 -18.77 36.82
N SER B 275 19.86 -17.65 36.10
CA SER B 275 18.68 -16.92 35.66
C SER B 275 17.86 -17.76 34.69
N ALA B 276 18.53 -18.46 33.77
CA ALA B 276 17.81 -19.31 32.82
C ALA B 276 17.03 -20.38 33.55
N LEU B 277 17.63 -21.00 34.57
CA LEU B 277 16.94 -22.05 35.30
C LEU B 277 15.74 -21.50 36.05
N ASP B 278 15.90 -20.31 36.66
CA ASP B 278 14.78 -19.68 37.37
C ASP B 278 13.64 -19.37 36.41
N LYS B 279 13.97 -18.84 35.23
CA LYS B 279 12.94 -18.50 34.26
C LYS B 279 12.25 -19.75 33.75
N LEU B 280 13.02 -20.82 33.53
CA LEU B 280 12.42 -22.06 33.08
C LEU B 280 11.52 -22.65 34.16
N ASN B 281 11.93 -22.53 35.43
CA ASN B 281 11.07 -23.01 36.50
C ASN B 281 9.74 -22.27 36.51
N GLU B 282 9.74 -20.98 36.16
CA GLU B 282 8.48 -20.25 36.08
C GLU B 282 7.67 -20.71 34.88
N ALA B 283 8.33 -21.00 33.74
CA ALA B 283 7.60 -21.52 32.60
C ALA B 283 6.93 -22.85 32.93
N ILE B 284 7.62 -23.71 33.68
CA ILE B 284 7.07 -25.02 34.03
C ILE B 284 5.83 -24.84 34.90
N LYS B 285 5.89 -23.92 35.87
CA LYS B 285 4.71 -23.61 36.67
C LYS B 285 3.55 -23.13 35.81
N LEU B 286 3.84 -22.25 34.86
CA LEU B 286 2.80 -21.73 33.97
C LEU B 286 2.29 -22.77 32.98
N ALA B 287 2.99 -23.88 32.81
CA ALA B 287 2.60 -24.89 31.82
C ALA B 287 1.73 -25.98 32.40
N LYS B 288 1.34 -25.87 33.66
CA LYS B 288 0.46 -26.88 34.24
C LYS B 288 -0.77 -27.04 33.38
N GLY B 289 -1.08 -28.28 33.01
CA GLY B 289 -2.26 -28.56 32.22
C GLY B 289 -2.11 -28.31 30.74
N GLN B 290 -0.92 -27.98 30.26
CA GLN B 290 -0.67 -27.82 28.85
C GLN B 290 -0.39 -29.17 28.20
N PRO B 291 -0.52 -29.26 26.86
CA PRO B 291 -0.36 -30.55 26.18
C PRO B 291 1.06 -31.11 26.31
N ASP B 292 1.15 -32.42 26.01
CA ASP B 292 2.43 -33.11 26.09
C ASP B 292 3.51 -32.46 25.23
N THR B 293 3.12 -31.85 24.11
CA THR B 293 4.12 -31.17 23.29
C THR B 293 4.81 -30.06 24.06
N VAL B 294 4.06 -29.31 24.87
CA VAL B 294 4.68 -28.29 25.71
C VAL B 294 5.54 -28.95 26.78
N GLN B 295 5.02 -29.98 27.44
CA GLN B 295 5.80 -30.62 28.50
C GLN B 295 7.09 -31.23 27.95
N ASP B 296 7.04 -31.82 26.75
CA ASP B 296 8.24 -32.41 26.16
C ASP B 296 9.33 -31.37 25.91
N ALA B 297 8.94 -30.19 25.43
CA ALA B 297 9.91 -29.13 25.18
C ALA B 297 10.52 -28.62 26.47
N LEU B 298 9.69 -28.39 27.50
CA LEU B 298 10.17 -27.91 28.78
C LEU B 298 11.07 -28.94 29.46
N ARG B 299 10.72 -30.22 29.35
CA ARG B 299 11.53 -31.24 30.02
C ARG B 299 12.90 -31.35 29.37
N PHE B 300 12.93 -31.36 28.04
CA PHE B 300 14.19 -31.38 27.30
C PHE B 300 15.07 -30.21 27.71
N THR B 301 14.48 -29.02 27.78
CA THR B 301 15.24 -27.82 28.07
C THR B 301 15.69 -27.79 29.52
N MET B 302 14.88 -28.34 30.43
CA MET B 302 15.32 -28.47 31.82
CA MET B 302 15.31 -28.48 31.82
C MET B 302 16.55 -29.36 31.93
N ASP B 303 16.59 -30.45 31.17
CA ASP B 303 17.77 -31.30 31.15
C ASP B 303 19.00 -30.50 30.74
N VAL B 304 18.86 -29.68 29.68
CA VAL B 304 19.99 -28.89 29.21
C VAL B 304 20.40 -27.85 30.25
N ILE B 305 19.45 -27.04 30.70
CA ILE B 305 19.79 -25.89 31.55
C ILE B 305 20.20 -26.35 32.94
N GLY B 306 19.47 -27.30 33.51
CA GLY B 306 19.81 -27.77 34.85
C GLY B 306 21.20 -28.38 34.91
N GLY B 307 21.58 -29.12 33.88
CA GLY B 307 22.92 -29.69 33.86
C GLY B 307 23.99 -28.64 33.64
N LYS B 308 23.73 -27.69 32.75
CA LYS B 308 24.70 -26.62 32.51
C LYS B 308 24.88 -25.75 33.73
N TYR B 309 23.79 -25.44 34.45
CA TYR B 309 23.94 -24.64 35.65
C TYR B 309 24.79 -25.36 36.69
N ASN B 310 24.48 -26.64 36.92
CA ASN B 310 25.21 -27.39 37.94
C ASN B 310 26.69 -27.46 37.60
N SER B 311 27.01 -27.70 36.33
CA SER B 311 28.41 -27.79 35.92
C SER B 311 29.10 -26.45 36.01
N ALA B 312 28.41 -25.37 35.63
CA ALA B 312 29.01 -24.04 35.69
C ALA B 312 29.26 -23.62 37.14
N LYS B 313 28.33 -23.93 38.05
CA LYS B 313 28.52 -23.54 39.43
C LYS B 313 29.64 -24.35 40.08
N LYS B 314 29.70 -25.64 39.77
CA LYS B 314 30.80 -26.46 40.30
C LYS B 314 32.14 -25.97 39.77
N ASP B 315 32.24 -25.68 38.47
CA ASP B 315 33.51 -25.22 37.92
C ASP B 315 33.96 -23.91 38.55
N ASN B 316 33.02 -22.98 38.74
CA ASN B 316 33.39 -21.70 39.34
C ASN B 316 33.70 -21.86 40.82
N ASP B 317 32.96 -22.74 41.52
CA ASP B 317 33.18 -22.91 42.95
C ASP B 317 34.54 -23.52 43.23
N PHE B 318 35.00 -24.43 42.38
CA PHE B 318 36.20 -25.20 42.70
C PHE B 318 37.37 -24.97 41.75
N ILE B 319 37.19 -24.24 40.65
CA ILE B 319 38.31 -23.97 39.75
C ILE B 319 38.53 -22.47 39.59
N TYR B 320 37.53 -21.75 39.07
CA TYR B 320 37.78 -20.40 38.59
C TYR B 320 37.66 -19.32 39.65
N HIS B 321 36.74 -19.48 40.59
CA HIS B 321 36.54 -18.52 41.70
C HIS B 321 36.32 -17.10 41.19
N GLU B 322 35.50 -16.96 40.15
CA GLU B 322 35.21 -15.64 39.62
C GLU B 322 33.93 -15.09 40.23
N ALA B 323 33.90 -13.77 40.38
CA ALA B 323 32.72 -13.09 40.92
C ALA B 323 31.51 -13.41 40.07
N VAL B 324 30.40 -13.77 40.72
CA VAL B 324 29.14 -14.01 40.04
C VAL B 324 28.32 -12.72 40.11
N PRO B 325 28.08 -12.04 39.00
CA PRO B 325 27.33 -10.78 39.06
C PRO B 325 25.88 -11.02 39.46
N ALA B 326 25.33 -10.07 40.20
CA ALA B 326 23.90 -10.10 40.45
C ALA B 326 23.16 -9.88 39.15
N LEU B 327 21.96 -10.46 39.06
CA LEU B 327 21.21 -10.40 37.80
C LEU B 327 20.86 -8.97 37.43
N ASP B 328 20.48 -8.15 38.42
CA ASP B 328 20.07 -6.78 38.14
C ASP B 328 21.21 -5.90 37.61
N THR B 329 22.46 -6.38 37.64
CA THR B 329 23.58 -5.63 37.09
C THR B 329 23.84 -5.97 35.63
N LEU B 330 23.24 -7.03 35.11
CA LEU B 330 23.43 -7.44 33.72
C LEU B 330 22.47 -6.68 32.83
N GLN B 331 23.00 -6.05 31.77
CA GLN B 331 22.16 -5.33 30.84
C GLN B 331 21.25 -6.29 30.10
N PRO B 332 19.96 -5.95 29.94
CA PRO B 332 19.05 -6.86 29.25
C PRO B 332 19.48 -7.15 27.82
N VAL B 333 19.10 -8.32 27.32
CA VAL B 333 19.48 -8.72 25.97
C VAL B 333 18.68 -7.91 24.97
N LYS B 334 19.36 -7.38 23.96
CA LYS B 334 18.67 -6.65 22.90
C LYS B 334 18.09 -7.61 21.88
N GLY B 335 16.80 -7.49 21.60
CA GLY B 335 16.18 -8.37 20.62
C GLY B 335 16.70 -8.11 19.22
N ALA B 336 16.75 -9.19 18.43
CA ALA B 336 17.15 -9.12 17.03
C ALA B 336 15.97 -9.53 16.16
N PRO B 337 15.13 -8.59 15.73
CA PRO B 337 14.01 -8.96 14.85
C PRO B 337 14.51 -9.31 13.45
N LEU B 338 14.42 -10.58 13.08
CA LEU B 338 14.87 -11.04 11.77
C LEU B 338 13.74 -11.53 10.89
N VAL B 339 12.49 -11.42 11.35
CA VAL B 339 11.32 -11.71 10.56
C VAL B 339 10.59 -10.40 10.33
N LYS B 340 9.63 -10.40 9.39
CA LYS B 340 8.90 -9.17 9.13
C LYS B 340 7.54 -9.52 8.57
N PRO B 341 6.58 -8.60 8.65
CA PRO B 341 5.31 -8.83 7.95
C PRO B 341 5.55 -8.78 6.45
N LEU B 342 5.37 -9.90 5.80
CA LEU B 342 5.70 -9.96 4.38
C LEU B 342 4.61 -9.25 3.58
N PRO B 343 4.98 -8.55 2.52
CA PRO B 343 4.04 -7.62 1.88
C PRO B 343 2.88 -8.34 1.20
N VAL B 344 1.71 -7.72 1.29
CA VAL B 344 0.57 -8.03 0.46
C VAL B 344 0.51 -6.95 -0.61
N ASN B 345 0.82 -7.31 -1.85
CA ASN B 345 0.51 -6.43 -2.97
C ASN B 345 -0.71 -7.03 -3.64
N PRO B 346 -1.91 -6.50 -3.41
CA PRO B 346 -3.10 -7.19 -3.90
C PRO B 346 -3.15 -7.31 -5.40
N THR B 347 -2.53 -6.38 -6.14
CA THR B 347 -2.56 -6.41 -7.59
C THR B 347 -1.21 -6.81 -8.20
N ASP B 348 -0.43 -7.62 -7.49
CA ASP B 348 0.77 -8.22 -8.07
C ASP B 348 0.36 -9.15 -9.20
N PRO B 349 0.75 -8.86 -10.45
CA PRO B 349 0.28 -9.71 -11.57
C PRO B 349 0.71 -11.17 -11.42
N ALA B 350 1.79 -11.44 -10.68
CA ALA B 350 2.20 -12.82 -10.48
C ALA B 350 1.13 -13.64 -9.76
N VAL B 351 0.31 -12.99 -8.92
CA VAL B 351 -0.71 -13.73 -8.18
C VAL B 351 -2.10 -13.52 -8.76
N THR B 352 -2.33 -12.39 -9.44
CA THR B 352 -3.68 -12.13 -9.97
C THR B 352 -3.90 -12.75 -11.33
N GLY B 353 -2.84 -12.94 -12.11
CA GLY B 353 -3.02 -13.20 -13.53
C GLY B 353 -3.61 -11.98 -14.20
N PRO B 354 -4.01 -12.14 -15.45
CA PRO B 354 -4.53 -11.00 -16.22
C PRO B 354 -5.80 -10.42 -15.59
N ASP B 355 -5.93 -9.10 -15.71
CA ASP B 355 -7.10 -8.35 -15.25
C ASP B 355 -8.37 -8.86 -15.94
N ILE B 356 -9.27 -9.49 -15.18
CA ILE B 356 -10.53 -9.96 -15.74
C ILE B 356 -11.30 -8.81 -16.37
N PHE B 357 -11.19 -7.60 -15.81
CA PHE B 357 -12.06 -6.50 -16.22
C PHE B 357 -11.35 -5.51 -17.14
N ALA B 358 -10.37 -5.99 -17.91
CA ALA B 358 -9.58 -5.08 -18.75
C ALA B 358 -10.44 -4.39 -19.81
N LYS B 359 -11.55 -4.99 -20.20
CA LYS B 359 -12.37 -4.38 -21.25
C LYS B 359 -13.46 -3.47 -20.70
N LEU B 360 -13.56 -3.32 -19.38
CA LEU B 360 -14.34 -2.21 -18.86
C LEU B 360 -13.56 -0.91 -19.08
N VAL B 361 -14.26 0.22 -18.97
CA VAL B 361 -13.63 1.51 -19.20
C VAL B 361 -12.78 1.95 -18.03
N ASP C 8 28.37 -13.22 9.71
CA ASP C 8 27.53 -13.47 8.54
C ASP C 8 26.24 -14.19 8.93
N ASP C 9 26.22 -14.76 10.13
CA ASP C 9 25.07 -15.54 10.58
C ASP C 9 23.77 -14.74 10.52
N MET C 10 23.81 -13.48 10.95
CA MET C 10 22.59 -12.70 11.01
C MET C 10 21.99 -12.49 9.62
N LYS C 11 22.82 -12.07 8.66
CA LYS C 11 22.29 -11.81 7.32
C LYS C 11 21.82 -13.09 6.63
N GLU C 12 22.51 -14.22 6.86
CA GLU C 12 22.10 -15.48 6.27
C GLU C 12 20.72 -15.90 6.79
N LEU C 13 20.44 -15.66 8.08
CA LEU C 13 19.13 -16.01 8.61
C LEU C 13 18.05 -15.06 8.11
N GLU C 14 18.37 -13.77 8.01
CA GLU C 14 17.43 -12.82 7.44
C GLU C 14 17.04 -13.21 6.03
N ASN C 15 18.03 -13.58 5.21
CA ASN C 15 17.74 -13.98 3.84
C ASN C 15 16.96 -15.29 3.81
N TRP C 16 17.26 -16.22 4.73
CA TRP C 16 16.51 -17.46 4.82
C TRP C 16 15.04 -17.19 5.11
N ALA C 17 14.75 -16.26 6.02
CA ALA C 17 13.37 -16.00 6.38
C ALA C 17 12.60 -15.31 5.26
N GLY C 18 13.30 -14.64 4.35
CA GLY C 18 12.65 -13.92 3.26
C GLY C 18 12.49 -14.68 1.96
#